data_2V6W
# 
_entry.id   2V6W 
# 
_audit_conform.dict_name       mmcif_pdbx.dic 
_audit_conform.dict_version    5.391 
_audit_conform.dict_location   http://mmcif.pdb.org/dictionaries/ascii/mmcif_pdbx.dic 
# 
loop_
_database_2.database_id 
_database_2.database_code 
_database_2.pdbx_database_accession 
_database_2.pdbx_DOI 
PDB   2V6W         pdb_00002v6w 10.2210/pdb2v6w/pdb 
PDBE  EBI-33164    ?            ?                   
WWPDB D_1290033164 ?            ?                   
# 
loop_
_pdbx_audit_revision_history.ordinal 
_pdbx_audit_revision_history.data_content_type 
_pdbx_audit_revision_history.major_revision 
_pdbx_audit_revision_history.minor_revision 
_pdbx_audit_revision_history.revision_date 
1 'Structure model' 1 0 2007-11-06 
2 'Structure model' 1 1 2011-05-08 
3 'Structure model' 1 2 2011-07-13 
4 'Structure model' 1 3 2019-05-08 
5 'Structure model' 1 4 2024-05-08 
# 
_pdbx_audit_revision_details.ordinal             1 
_pdbx_audit_revision_details.revision_ordinal    1 
_pdbx_audit_revision_details.data_content_type   'Structure model' 
_pdbx_audit_revision_details.provider            repository 
_pdbx_audit_revision_details.type                'Initial release' 
_pdbx_audit_revision_details.description         ? 
_pdbx_audit_revision_details.details             ? 
# 
loop_
_pdbx_audit_revision_group.ordinal 
_pdbx_audit_revision_group.revision_ordinal 
_pdbx_audit_revision_group.data_content_type 
_pdbx_audit_revision_group.group 
1 2 'Structure model' 'Version format compliance' 
2 3 'Structure model' 'Version format compliance' 
3 4 'Structure model' 'Data collection'           
4 4 'Structure model' 'Experimental preparation'  
5 4 'Structure model' Other                       
6 5 'Structure model' 'Data collection'           
7 5 'Structure model' 'Database references'       
8 5 'Structure model' Other                       
# 
loop_
_pdbx_audit_revision_category.ordinal 
_pdbx_audit_revision_category.revision_ordinal 
_pdbx_audit_revision_category.data_content_type 
_pdbx_audit_revision_category.category 
1 4 'Structure model' exptl_crystal_grow   
2 4 'Structure model' pdbx_database_proc   
3 4 'Structure model' pdbx_database_status 
4 5 'Structure model' chem_comp_atom       
5 5 'Structure model' chem_comp_bond       
6 5 'Structure model' database_2           
7 5 'Structure model' pdbx_database_status 
# 
loop_
_pdbx_audit_revision_item.ordinal 
_pdbx_audit_revision_item.revision_ordinal 
_pdbx_audit_revision_item.data_content_type 
_pdbx_audit_revision_item.item 
1 4 'Structure model' '_exptl_crystal_grow.temp'                    
2 4 'Structure model' '_pdbx_database_status.recvd_author_approval' 
3 5 'Structure model' '_database_2.pdbx_DOI'                        
4 5 'Structure model' '_database_2.pdbx_database_accession'         
5 5 'Structure model' '_pdbx_database_status.status_code_sf'        
# 
_pdbx_database_status.status_code                     REL 
_pdbx_database_status.entry_id                        2V6W 
_pdbx_database_status.deposit_site                    PDBE 
_pdbx_database_status.process_site                    PDBE 
_pdbx_database_status.SG_entry                        . 
_pdbx_database_status.recvd_initial_deposition_date   2007-07-23 
_pdbx_database_status.pdb_format_compatible           Y 
_pdbx_database_status.status_code_sf                  REL 
_pdbx_database_status.status_code_mr                  ? 
_pdbx_database_status.status_code_cs                  ? 
_pdbx_database_status.methods_development_category    ? 
_pdbx_database_status.status_code_nmr_data            ? 
# 
loop_
_audit_author.name 
_audit_author.pdbx_ordinal 
'Foerster, C.'   1 
'Brauer, A.B.E.' 2 
'Brode, S.'      3 
'Fuerste, J.P.'  4 
'Betzel, C.'     5 
'Erdmann, V.A.'  6 
# 
_citation.id                        primary 
_citation.title                     
'Trnaser Acceptor Stem: Conformation and Hydration of a Microhelix in a Crystal Structure at 1.8 A Resolution.' 
_citation.journal_abbrev            'Acta Crystallogr.,Sect.D' 
_citation.journal_volume            63 
_citation.page_first                1154 
_citation.page_last                 ? 
_citation.year                      2007 
_citation.journal_id_ASTM           ABCRE6 
_citation.country                   DK 
_citation.journal_id_ISSN           0907-4449 
_citation.journal_id_CSD            0766 
_citation.book_publisher            ? 
_citation.pdbx_database_id_PubMed   18007030 
_citation.pdbx_database_id_DOI      10.1107/S0907444907045271 
# 
loop_
_citation_author.citation_id 
_citation_author.name 
_citation_author.ordinal 
_citation_author.identifier_ORCID 
primary 'Forster, C.'    1 ? 
primary 'Brauer, A.B.E.' 2 ? 
primary 'Brode, S.'      3 ? 
primary 'Furste, J.P.'   4 ? 
primary 'Betzel, C.'     5 ? 
primary 'Erdmann, V.A.'  6 ? 
# 
loop_
_entity.id 
_entity.type 
_entity.src_method 
_entity.pdbx_description 
_entity.formula_weight 
_entity.pdbx_number_of_molecules 
_entity.pdbx_ec 
_entity.pdbx_mutation 
_entity.pdbx_fragment 
_entity.details 
1 polymer syn "5'-R(*GP*GP*AP*GP*AP*GP*AP)-3'" 2323.483 1  ? ? 'ACCEPTOR STEM MICROHELIX' 'TRNA-SER MICROHELIX' 
2 polymer syn "5'-R(*UP*CP*UP*CP*UP*CP*CP)-3'" 2094.267 1  ? ? 'ACCEPTOR STEM MICROHELIX' 'TRNA-SER MICROHELIX' 
3 water   nat water                            18.015   75 ? ? ?                          ?                     
# 
loop_
_entity_poly.entity_id 
_entity_poly.type 
_entity_poly.nstd_linkage 
_entity_poly.nstd_monomer 
_entity_poly.pdbx_seq_one_letter_code 
_entity_poly.pdbx_seq_one_letter_code_can 
_entity_poly.pdbx_strand_id 
_entity_poly.pdbx_target_identifier 
1 polyribonucleotide no no GGAGAGA GGAGAGA A ? 
2 polyribonucleotide no no UCUCUCC UCUCUCC B ? 
# 
_pdbx_entity_nonpoly.entity_id   3 
_pdbx_entity_nonpoly.name        water 
_pdbx_entity_nonpoly.comp_id     HOH 
# 
loop_
_entity_poly_seq.entity_id 
_entity_poly_seq.num 
_entity_poly_seq.mon_id 
_entity_poly_seq.hetero 
1 1 G n 
1 2 G n 
1 3 A n 
1 4 G n 
1 5 A n 
1 6 G n 
1 7 A n 
2 1 U n 
2 2 C n 
2 3 U n 
2 4 C n 
2 5 U n 
2 6 C n 
2 7 C n 
# 
loop_
_pdbx_entity_src_syn.entity_id 
_pdbx_entity_src_syn.pdbx_src_id 
_pdbx_entity_src_syn.pdbx_alt_source_flag 
_pdbx_entity_src_syn.pdbx_beg_seq_num 
_pdbx_entity_src_syn.pdbx_end_seq_num 
_pdbx_entity_src_syn.organism_scientific 
_pdbx_entity_src_syn.organism_common_name 
_pdbx_entity_src_syn.ncbi_taxonomy_id 
_pdbx_entity_src_syn.details 
1 1 sample ? ? 'ESCHERICHIA COLI' ? 562 ? 
2 1 sample ? ? 'ESCHERICHIA COLI' ? 562 ? 
# 
loop_
_chem_comp.id 
_chem_comp.type 
_chem_comp.mon_nstd_flag 
_chem_comp.name 
_chem_comp.pdbx_synonyms 
_chem_comp.formula 
_chem_comp.formula_weight 
A   'RNA linking' y "ADENOSINE-5'-MONOPHOSPHATE" ? 'C10 H14 N5 O7 P' 347.221 
C   'RNA linking' y "CYTIDINE-5'-MONOPHOSPHATE"  ? 'C9 H14 N3 O8 P'  323.197 
G   'RNA linking' y "GUANOSINE-5'-MONOPHOSPHATE" ? 'C10 H14 N5 O8 P' 363.221 
HOH non-polymer   . WATER                        ? 'H2 O'            18.015  
U   'RNA linking' y "URIDINE-5'-MONOPHOSPHATE"   ? 'C9 H13 N2 O9 P'  324.181 
# 
loop_
_pdbx_poly_seq_scheme.asym_id 
_pdbx_poly_seq_scheme.entity_id 
_pdbx_poly_seq_scheme.seq_id 
_pdbx_poly_seq_scheme.mon_id 
_pdbx_poly_seq_scheme.ndb_seq_num 
_pdbx_poly_seq_scheme.pdb_seq_num 
_pdbx_poly_seq_scheme.auth_seq_num 
_pdbx_poly_seq_scheme.pdb_mon_id 
_pdbx_poly_seq_scheme.auth_mon_id 
_pdbx_poly_seq_scheme.pdb_strand_id 
_pdbx_poly_seq_scheme.pdb_ins_code 
_pdbx_poly_seq_scheme.hetero 
A 1 1 G 1 1  1  G G A . n 
A 1 2 G 2 2  2  G G A . n 
A 1 3 A 3 3  3  A A A . n 
A 1 4 G 4 4  4  G G A . n 
A 1 5 A 5 5  5  A A A . n 
A 1 6 G 6 6  6  G G A . n 
A 1 7 A 7 7  7  A A A . n 
B 2 1 U 1 66 66 U U B . n 
B 2 2 C 2 67 67 C C B . n 
B 2 3 U 3 68 68 U U B . n 
B 2 4 C 4 69 69 C C B . n 
B 2 5 U 5 70 70 U U B . n 
B 2 6 C 6 71 71 C C B . n 
B 2 7 C 7 72 72 C C B . n 
# 
loop_
_pdbx_nonpoly_scheme.asym_id 
_pdbx_nonpoly_scheme.entity_id 
_pdbx_nonpoly_scheme.mon_id 
_pdbx_nonpoly_scheme.ndb_seq_num 
_pdbx_nonpoly_scheme.pdb_seq_num 
_pdbx_nonpoly_scheme.auth_seq_num 
_pdbx_nonpoly_scheme.pdb_mon_id 
_pdbx_nonpoly_scheme.auth_mon_id 
_pdbx_nonpoly_scheme.pdb_strand_id 
_pdbx_nonpoly_scheme.pdb_ins_code 
C 3 HOH 1  2001 2001 HOH HOH A . 
C 3 HOH 2  2002 2002 HOH HOH A . 
C 3 HOH 3  2003 2003 HOH HOH A . 
C 3 HOH 4  2004 2004 HOH HOH A . 
C 3 HOH 5  2005 2005 HOH HOH A . 
C 3 HOH 6  2006 2006 HOH HOH A . 
C 3 HOH 7  2007 2007 HOH HOH A . 
C 3 HOH 8  2008 2008 HOH HOH A . 
C 3 HOH 9  2009 2009 HOH HOH A . 
C 3 HOH 10 2010 2010 HOH HOH A . 
C 3 HOH 11 2011 2011 HOH HOH A . 
C 3 HOH 12 2012 2012 HOH HOH A . 
C 3 HOH 13 2013 2013 HOH HOH A . 
C 3 HOH 14 2014 2014 HOH HOH A . 
C 3 HOH 15 2015 2015 HOH HOH A . 
C 3 HOH 16 2016 2016 HOH HOH A . 
C 3 HOH 17 2017 2017 HOH HOH A . 
C 3 HOH 18 2018 2018 HOH HOH A . 
C 3 HOH 19 2019 2019 HOH HOH A . 
C 3 HOH 20 2020 2020 HOH HOH A . 
C 3 HOH 21 2021 2021 HOH HOH A . 
C 3 HOH 22 2022 2022 HOH HOH A . 
C 3 HOH 23 2023 2023 HOH HOH A . 
C 3 HOH 24 2024 2024 HOH HOH A . 
C 3 HOH 25 2025 2025 HOH HOH A . 
C 3 HOH 26 2026 2026 HOH HOH A . 
C 3 HOH 27 2027 2027 HOH HOH A . 
C 3 HOH 28 2028 2028 HOH HOH A . 
C 3 HOH 29 2029 2029 HOH HOH A . 
C 3 HOH 30 2030 2030 HOH HOH A . 
C 3 HOH 31 2031 2031 HOH HOH A . 
C 3 HOH 32 2032 2032 HOH HOH A . 
C 3 HOH 33 2033 2033 HOH HOH A . 
C 3 HOH 34 2034 2034 HOH HOH A . 
C 3 HOH 35 2035 2035 HOH HOH A . 
C 3 HOH 36 2036 2036 HOH HOH A . 
C 3 HOH 37 2037 2037 HOH HOH A . 
C 3 HOH 38 2038 2038 HOH HOH A . 
D 3 HOH 1  2001 2001 HOH HOH B . 
D 3 HOH 2  2002 2002 HOH HOH B . 
D 3 HOH 3  2003 2003 HOH HOH B . 
D 3 HOH 4  2004 2004 HOH HOH B . 
D 3 HOH 5  2005 2005 HOH HOH B . 
D 3 HOH 6  2006 2006 HOH HOH B . 
D 3 HOH 7  2007 2007 HOH HOH B . 
D 3 HOH 8  2008 2008 HOH HOH B . 
D 3 HOH 9  2009 2009 HOH HOH B . 
D 3 HOH 10 2010 2010 HOH HOH B . 
D 3 HOH 11 2011 2011 HOH HOH B . 
D 3 HOH 12 2012 2012 HOH HOH B . 
D 3 HOH 13 2013 2013 HOH HOH B . 
D 3 HOH 14 2014 2014 HOH HOH B . 
D 3 HOH 15 2015 2015 HOH HOH B . 
D 3 HOH 16 2016 2016 HOH HOH B . 
D 3 HOH 17 2017 2017 HOH HOH B . 
D 3 HOH 18 2018 2018 HOH HOH B . 
D 3 HOH 19 2019 2019 HOH HOH B . 
D 3 HOH 20 2020 2020 HOH HOH B . 
D 3 HOH 21 2021 2021 HOH HOH B . 
D 3 HOH 22 2022 2022 HOH HOH B . 
D 3 HOH 23 2023 2023 HOH HOH B . 
D 3 HOH 24 2024 2024 HOH HOH B . 
D 3 HOH 25 2025 2025 HOH HOH B . 
D 3 HOH 26 2026 2026 HOH HOH B . 
D 3 HOH 27 2027 2027 HOH HOH B . 
D 3 HOH 28 2028 2028 HOH HOH B . 
D 3 HOH 29 2029 2029 HOH HOH B . 
D 3 HOH 30 2030 2030 HOH HOH B . 
D 3 HOH 31 2031 2031 HOH HOH B . 
D 3 HOH 32 2032 2032 HOH HOH B . 
D 3 HOH 33 2033 2033 HOH HOH B . 
D 3 HOH 34 2034 2034 HOH HOH B . 
D 3 HOH 35 2035 2035 HOH HOH B . 
D 3 HOH 36 2036 2036 HOH HOH B . 
D 3 HOH 37 2037 2037 HOH HOH B . 
# 
_software.name             REFMAC 
_software.classification   refinement 
_software.version          5 
_software.citation_id      ? 
_software.pdbx_ordinal     1 
# 
_cell.entry_id           2V6W 
_cell.length_a           36.100 
_cell.length_b           38.920 
_cell.length_c           30.790 
_cell.angle_alpha        90.00 
_cell.angle_beta         110.61 
_cell.angle_gamma        90.00 
_cell.Z_PDB              4 
_cell.pdbx_unique_axis   ? 
# 
_symmetry.entry_id                         2V6W 
_symmetry.space_group_name_H-M             'C 1 2 1' 
_symmetry.pdbx_full_space_group_name_H-M   ? 
_symmetry.cell_setting                     ? 
_symmetry.Int_Tables_number                5 
# 
_exptl.entry_id          2V6W 
_exptl.method            'X-RAY DIFFRACTION' 
_exptl.crystals_number   ? 
# 
_exptl_crystal.id                    1 
_exptl_crystal.density_meas          ? 
_exptl_crystal.density_Matthews      2.31 
_exptl_crystal.density_percent_sol   59 
_exptl_crystal.description           NONE 
# 
_exptl_crystal_grow.crystal_id      1 
_exptl_crystal_grow.method          ? 
_exptl_crystal_grow.temp            294 
_exptl_crystal_grow.temp_details    ? 
_exptl_crystal_grow.pH              ? 
_exptl_crystal_grow.pdbx_pH_range   ? 
_exptl_crystal_grow.pdbx_details    '50 MM SODIUM CACODYLATE, PH 6.0, 15 MM MAGNESIUM SULFATE, 1.8 M LITHIUM SULFATE, 294 K.' 
# 
_diffrn.id                     1 
_diffrn.ambient_temp           100 
_diffrn.ambient_temp_details   ? 
_diffrn.crystal_id             1 
# 
_diffrn_detector.diffrn_id              1 
_diffrn_detector.detector               CCD 
_diffrn_detector.type                   MARRESEARCH 
_diffrn_detector.pdbx_collection_date   ? 
_diffrn_detector.details                ? 
# 
_diffrn_radiation.diffrn_id                        1 
_diffrn_radiation.wavelength_id                    1 
_diffrn_radiation.pdbx_monochromatic_or_laue_m_l   M 
_diffrn_radiation.monochromator                    ? 
_diffrn_radiation.pdbx_diffrn_protocol             'SINGLE WAVELENGTH' 
_diffrn_radiation.pdbx_scattering_type             x-ray 
# 
_diffrn_radiation_wavelength.id           1 
_diffrn_radiation_wavelength.wavelength   0.900 
_diffrn_radiation_wavelength.wt           1.0 
# 
_diffrn_source.diffrn_id                   1 
_diffrn_source.source                      SYNCHROTRON 
_diffrn_source.type                        'ELETTRA BEAMLINE 5.2R' 
_diffrn_source.pdbx_synchrotron_site       ELETTRA 
_diffrn_source.pdbx_synchrotron_beamline   5.2R 
_diffrn_source.pdbx_wavelength             0.900 
_diffrn_source.pdbx_wavelength_list        ? 
# 
_reflns.pdbx_diffrn_id               1 
_reflns.pdbx_ordinal                 1 
_reflns.entry_id                     2V6W 
_reflns.observed_criterion_sigma_I   2.0 
_reflns.observed_criterion_sigma_F   ? 
_reflns.d_resolution_low             80.00 
_reflns.d_resolution_high            1.80 
_reflns.number_obs                   3677 
_reflns.number_all                   ? 
_reflns.percent_possible_obs         98.9 
_reflns.pdbx_Rmerge_I_obs            0.07 
_reflns.pdbx_Rsym_value              ? 
_reflns.pdbx_netI_over_sigmaI        14.90 
_reflns.B_iso_Wilson_estimate        ? 
_reflns.pdbx_redundancy              3.5 
# 
_refine.pdbx_refine_id                           'X-RAY DIFFRACTION' 
_refine.entry_id                                 2V6W 
_refine.pdbx_diffrn_id                           1 
_refine.pdbx_TLS_residual_ADP_flag               ? 
_refine.ls_number_reflns_obs                     3494 
_refine.ls_number_reflns_all                     ? 
_refine.pdbx_ls_sigma_I                          ? 
_refine.pdbx_ls_sigma_F                          2.0 
_refine.pdbx_data_cutoff_high_absF               ? 
_refine.pdbx_data_cutoff_low_absF                ? 
_refine.pdbx_data_cutoff_high_rms_absF           ? 
_refine.ls_d_res_low                             80 
_refine.ls_d_res_high                            1.8 
_refine.ls_percent_reflns_obs                    98.9 
_refine.ls_R_factor_obs                          ? 
_refine.ls_R_factor_all                          ? 
_refine.ls_R_factor_R_work                       0.154 
_refine.ls_R_factor_R_free                       ? 
_refine.ls_R_factor_R_free_error                 ? 
_refine.ls_R_factor_R_free_error_details         ? 
_refine.ls_percent_reflns_R_free                 ? 
_refine.ls_number_reflns_R_free                  ? 
_refine.ls_number_parameters                     ? 
_refine.ls_number_restraints                     ? 
_refine.occupancy_min                            ? 
_refine.occupancy_max                            ? 
_refine.correlation_coeff_Fo_to_Fc               ? 
_refine.correlation_coeff_Fo_to_Fc_free          ? 
_refine.B_iso_mean                               ? 
_refine.aniso_B[1][1]                            ? 
_refine.aniso_B[2][2]                            ? 
_refine.aniso_B[3][3]                            ? 
_refine.aniso_B[1][2]                            ? 
_refine.aniso_B[1][3]                            ? 
_refine.aniso_B[2][3]                            ? 
_refine.solvent_model_details                    ? 
_refine.solvent_model_param_ksol                 ? 
_refine.solvent_model_param_bsol                 ? 
_refine.pdbx_solvent_vdw_probe_radii             ? 
_refine.pdbx_solvent_ion_probe_radii             ? 
_refine.pdbx_solvent_shrinkage_radii             ? 
_refine.pdbx_ls_cross_valid_method               THROUGHOUT 
_refine.details                                  'HYDROGENS HAVE BEEN ADDED IN THE RIDING POSITIONS.' 
_refine.pdbx_starting_model                      ? 
_refine.pdbx_method_to_determine_struct          'MOLECULAR REPLACEMENT' 
_refine.pdbx_isotropic_thermal_model             ? 
_refine.pdbx_stereochemistry_target_values       ? 
_refine.pdbx_stereochem_target_val_spec_case     ? 
_refine.pdbx_R_Free_selection_details            ? 
_refine.pdbx_overall_ESU_R                       ? 
_refine.pdbx_overall_ESU_R_Free                  ? 
_refine.overall_SU_ML                            ? 
_refine.pdbx_overall_phase_error                 ? 
_refine.overall_SU_B                             ? 
_refine.overall_SU_R_Cruickshank_DPI             ? 
_refine.pdbx_overall_SU_R_free_Cruickshank_DPI   ? 
_refine.pdbx_overall_SU_R_Blow_DPI               ? 
_refine.pdbx_overall_SU_R_free_Blow_DPI          ? 
# 
_refine_hist.pdbx_refine_id                   'X-RAY DIFFRACTION' 
_refine_hist.cycle_id                         LAST 
_refine_hist.pdbx_number_atoms_protein        0 
_refine_hist.pdbx_number_atoms_nucleic_acid   292 
_refine_hist.pdbx_number_atoms_ligand         0 
_refine_hist.number_atoms_solvent             75 
_refine_hist.number_atoms_total               367 
_refine_hist.d_res_high                       1.8 
_refine_hist.d_res_low                        80 
# 
_struct.entry_id                  2V6W 
_struct.title                     
'tRNASer acceptor stem: Conformation and hydration of a microhelix in a crystal structure at 1.8 Angstrom resolution' 
_struct.pdbx_model_details        ? 
_struct.pdbx_CASP_flag            ? 
_struct.pdbx_model_type_details   ? 
# 
_struct_keywords.entry_id        2V6W 
_struct_keywords.pdbx_keywords   RNA 
_struct_keywords.text            
'E.COLI TRNASER ACCEPTOR STEM MICROHELIX, NUCLEIC ACID TRNA IDENTITY, 1.8 ANGSTROM RESOLUTION, HYDRATION PATTERN, RNA' 
# 
loop_
_struct_asym.id 
_struct_asym.pdbx_blank_PDB_chainid_flag 
_struct_asym.pdbx_modified 
_struct_asym.entity_id 
_struct_asym.details 
A N N 1 ? 
B N N 2 ? 
C N N 3 ? 
D N N 3 ? 
# 
loop_
_struct_ref.id 
_struct_ref.db_name 
_struct_ref.db_code 
_struct_ref.entity_id 
_struct_ref.pdbx_seq_one_letter_code 
_struct_ref.pdbx_align_begin 
_struct_ref.pdbx_db_accession 
_struct_ref.pdbx_db_isoform 
1 PDB 2V6W 1 ? ? 2V6W ? 
2 PDB 2V6W 2 ? ? 2V6W ? 
# 
loop_
_struct_ref_seq.align_id 
_struct_ref_seq.ref_id 
_struct_ref_seq.pdbx_PDB_id_code 
_struct_ref_seq.pdbx_strand_id 
_struct_ref_seq.seq_align_beg 
_struct_ref_seq.pdbx_seq_align_beg_ins_code 
_struct_ref_seq.seq_align_end 
_struct_ref_seq.pdbx_seq_align_end_ins_code 
_struct_ref_seq.pdbx_db_accession 
_struct_ref_seq.db_align_beg 
_struct_ref_seq.pdbx_db_align_beg_ins_code 
_struct_ref_seq.db_align_end 
_struct_ref_seq.pdbx_db_align_end_ins_code 
_struct_ref_seq.pdbx_auth_seq_align_beg 
_struct_ref_seq.pdbx_auth_seq_align_end 
1 1 2V6W A 1 ? 7 ? 2V6W 1  ? 7  ? 1  7  
2 2 2V6W B 1 ? 7 ? 2V6W 66 ? 72 ? 66 72 
# 
_pdbx_struct_assembly.id                   1 
_pdbx_struct_assembly.details              author_and_software_defined_assembly 
_pdbx_struct_assembly.method_details       PQS 
_pdbx_struct_assembly.oligomeric_details   dimeric 
_pdbx_struct_assembly.oligomeric_count     2 
# 
loop_
_pdbx_struct_assembly_prop.biol_id 
_pdbx_struct_assembly_prop.type 
_pdbx_struct_assembly_prop.value 
_pdbx_struct_assembly_prop.details 
1 'ABSA (A^2)' 700  ? 
1 MORE         0.0  ? 
1 'SSA (A^2)'  3100 ? 
# 
_pdbx_struct_assembly_gen.assembly_id       1 
_pdbx_struct_assembly_gen.oper_expression   1 
_pdbx_struct_assembly_gen.asym_id_list      A,B,C,D 
# 
_pdbx_struct_oper_list.id                   1 
_pdbx_struct_oper_list.type                 'identity operation' 
_pdbx_struct_oper_list.name                 1_555 
_pdbx_struct_oper_list.symmetry_operation   x,y,z 
_pdbx_struct_oper_list.matrix[1][1]         1.0000000000 
_pdbx_struct_oper_list.matrix[1][2]         0.0000000000 
_pdbx_struct_oper_list.matrix[1][3]         0.0000000000 
_pdbx_struct_oper_list.vector[1]            0.0000000000 
_pdbx_struct_oper_list.matrix[2][1]         0.0000000000 
_pdbx_struct_oper_list.matrix[2][2]         1.0000000000 
_pdbx_struct_oper_list.matrix[2][3]         0.0000000000 
_pdbx_struct_oper_list.vector[2]            0.0000000000 
_pdbx_struct_oper_list.matrix[3][1]         0.0000000000 
_pdbx_struct_oper_list.matrix[3][2]         0.0000000000 
_pdbx_struct_oper_list.matrix[3][3]         1.0000000000 
_pdbx_struct_oper_list.vector[3]            0.0000000000 
# 
_struct_biol.id   1 
# 
loop_
_struct_conn.id 
_struct_conn.conn_type_id 
_struct_conn.pdbx_leaving_atom_flag 
_struct_conn.pdbx_PDB_id 
_struct_conn.ptnr1_label_asym_id 
_struct_conn.ptnr1_label_comp_id 
_struct_conn.ptnr1_label_seq_id 
_struct_conn.ptnr1_label_atom_id 
_struct_conn.pdbx_ptnr1_label_alt_id 
_struct_conn.pdbx_ptnr1_PDB_ins_code 
_struct_conn.pdbx_ptnr1_standard_comp_id 
_struct_conn.ptnr1_symmetry 
_struct_conn.ptnr2_label_asym_id 
_struct_conn.ptnr2_label_comp_id 
_struct_conn.ptnr2_label_seq_id 
_struct_conn.ptnr2_label_atom_id 
_struct_conn.pdbx_ptnr2_label_alt_id 
_struct_conn.pdbx_ptnr2_PDB_ins_code 
_struct_conn.ptnr1_auth_asym_id 
_struct_conn.ptnr1_auth_comp_id 
_struct_conn.ptnr1_auth_seq_id 
_struct_conn.ptnr2_auth_asym_id 
_struct_conn.ptnr2_auth_comp_id 
_struct_conn.ptnr2_auth_seq_id 
_struct_conn.ptnr2_symmetry 
_struct_conn.pdbx_ptnr3_label_atom_id 
_struct_conn.pdbx_ptnr3_label_seq_id 
_struct_conn.pdbx_ptnr3_label_comp_id 
_struct_conn.pdbx_ptnr3_label_asym_id 
_struct_conn.pdbx_ptnr3_label_alt_id 
_struct_conn.pdbx_ptnr3_PDB_ins_code 
_struct_conn.details 
_struct_conn.pdbx_dist_value 
_struct_conn.pdbx_value_order 
_struct_conn.pdbx_role 
hydrog1  hydrog ? ? A G 1 N1 ? ? ? 1_555 B C 7 N3 ? ? A G 1 B C 72 1_555 ? ? ? ? ? ? WATSON-CRICK ? ? ? 
hydrog2  hydrog ? ? A G 1 N2 ? ? ? 1_555 B C 7 O2 ? ? A G 1 B C 72 1_555 ? ? ? ? ? ? WATSON-CRICK ? ? ? 
hydrog3  hydrog ? ? A G 1 O6 ? ? ? 1_555 B C 7 N4 ? ? A G 1 B C 72 1_555 ? ? ? ? ? ? WATSON-CRICK ? ? ? 
hydrog4  hydrog ? ? A G 2 N1 ? ? ? 1_555 B C 6 N3 ? ? A G 2 B C 71 1_555 ? ? ? ? ? ? WATSON-CRICK ? ? ? 
hydrog5  hydrog ? ? A G 2 N2 ? ? ? 1_555 B C 6 O2 ? ? A G 2 B C 71 1_555 ? ? ? ? ? ? WATSON-CRICK ? ? ? 
hydrog6  hydrog ? ? A G 2 O6 ? ? ? 1_555 B C 6 N4 ? ? A G 2 B C 71 1_555 ? ? ? ? ? ? WATSON-CRICK ? ? ? 
hydrog7  hydrog ? ? A A 3 N1 ? ? ? 1_555 B U 5 N3 ? ? A A 3 B U 70 1_555 ? ? ? ? ? ? WATSON-CRICK ? ? ? 
hydrog8  hydrog ? ? A A 3 N6 ? ? ? 1_555 B U 5 O4 ? ? A A 3 B U 70 1_555 ? ? ? ? ? ? WATSON-CRICK ? ? ? 
hydrog9  hydrog ? ? A G 4 N1 ? ? ? 1_555 B C 4 N3 ? ? A G 4 B C 69 1_555 ? ? ? ? ? ? WATSON-CRICK ? ? ? 
hydrog10 hydrog ? ? A G 4 N2 ? ? ? 1_555 B C 4 O2 ? ? A G 4 B C 69 1_555 ? ? ? ? ? ? WATSON-CRICK ? ? ? 
hydrog11 hydrog ? ? A G 4 O6 ? ? ? 1_555 B C 4 N4 ? ? A G 4 B C 69 1_555 ? ? ? ? ? ? WATSON-CRICK ? ? ? 
hydrog12 hydrog ? ? A A 5 N1 ? ? ? 1_555 B U 3 N3 ? ? A A 5 B U 68 1_555 ? ? ? ? ? ? WATSON-CRICK ? ? ? 
hydrog13 hydrog ? ? A A 5 N6 ? ? ? 1_555 B U 3 O4 ? ? A A 5 B U 68 1_555 ? ? ? ? ? ? WATSON-CRICK ? ? ? 
hydrog14 hydrog ? ? A G 6 N1 ? ? ? 1_555 B C 2 N3 ? ? A G 6 B C 67 1_555 ? ? ? ? ? ? WATSON-CRICK ? ? ? 
hydrog15 hydrog ? ? A G 6 N2 ? ? ? 1_555 B C 2 O2 ? ? A G 6 B C 67 1_555 ? ? ? ? ? ? WATSON-CRICK ? ? ? 
hydrog16 hydrog ? ? A G 6 O6 ? ? ? 1_555 B C 2 N4 ? ? A G 6 B C 67 1_555 ? ? ? ? ? ? WATSON-CRICK ? ? ? 
hydrog17 hydrog ? ? A A 7 N1 ? ? ? 1_555 B U 1 N3 ? ? A A 7 B U 66 1_555 ? ? ? ? ? ? WATSON-CRICK ? ? ? 
hydrog18 hydrog ? ? A A 7 N6 ? ? ? 1_555 B U 1 O4 ? ? A A 7 B U 66 1_555 ? ? ? ? ? ? WATSON-CRICK ? ? ? 
# 
_struct_conn_type.id          hydrog 
_struct_conn_type.criteria    ? 
_struct_conn_type.reference   ? 
# 
_pdbx_validate_rmsd_angle.id                         1 
_pdbx_validate_rmsd_angle.PDB_model_num              1 
_pdbx_validate_rmsd_angle.auth_atom_id_1             "C3'" 
_pdbx_validate_rmsd_angle.auth_asym_id_1             A 
_pdbx_validate_rmsd_angle.auth_comp_id_1             G 
_pdbx_validate_rmsd_angle.auth_seq_id_1              2 
_pdbx_validate_rmsd_angle.PDB_ins_code_1             ? 
_pdbx_validate_rmsd_angle.label_alt_id_1             ? 
_pdbx_validate_rmsd_angle.auth_atom_id_2             "C2'" 
_pdbx_validate_rmsd_angle.auth_asym_id_2             A 
_pdbx_validate_rmsd_angle.auth_comp_id_2             G 
_pdbx_validate_rmsd_angle.auth_seq_id_2              2 
_pdbx_validate_rmsd_angle.PDB_ins_code_2             ? 
_pdbx_validate_rmsd_angle.label_alt_id_2             ? 
_pdbx_validate_rmsd_angle.auth_atom_id_3             "C1'" 
_pdbx_validate_rmsd_angle.auth_asym_id_3             A 
_pdbx_validate_rmsd_angle.auth_comp_id_3             G 
_pdbx_validate_rmsd_angle.auth_seq_id_3              2 
_pdbx_validate_rmsd_angle.PDB_ins_code_3             ? 
_pdbx_validate_rmsd_angle.label_alt_id_3             ? 
_pdbx_validate_rmsd_angle.angle_value                96.86 
_pdbx_validate_rmsd_angle.angle_target_value         101.30 
_pdbx_validate_rmsd_angle.angle_deviation            -4.44 
_pdbx_validate_rmsd_angle.angle_standard_deviation   0.70 
_pdbx_validate_rmsd_angle.linker_flag                N 
# 
loop_
_chem_comp_atom.comp_id 
_chem_comp_atom.atom_id 
_chem_comp_atom.type_symbol 
_chem_comp_atom.pdbx_aromatic_flag 
_chem_comp_atom.pdbx_stereo_config 
_chem_comp_atom.pdbx_ordinal 
A   OP3    O N N 1   
A   P      P N N 2   
A   OP1    O N N 3   
A   OP2    O N N 4   
A   "O5'"  O N N 5   
A   "C5'"  C N N 6   
A   "C4'"  C N R 7   
A   "O4'"  O N N 8   
A   "C3'"  C N S 9   
A   "O3'"  O N N 10  
A   "C2'"  C N R 11  
A   "O2'"  O N N 12  
A   "C1'"  C N R 13  
A   N9     N Y N 14  
A   C8     C Y N 15  
A   N7     N Y N 16  
A   C5     C Y N 17  
A   C6     C Y N 18  
A   N6     N N N 19  
A   N1     N Y N 20  
A   C2     C Y N 21  
A   N3     N Y N 22  
A   C4     C Y N 23  
A   HOP3   H N N 24  
A   HOP2   H N N 25  
A   "H5'"  H N N 26  
A   "H5''" H N N 27  
A   "H4'"  H N N 28  
A   "H3'"  H N N 29  
A   "HO3'" H N N 30  
A   "H2'"  H N N 31  
A   "HO2'" H N N 32  
A   "H1'"  H N N 33  
A   H8     H N N 34  
A   H61    H N N 35  
A   H62    H N N 36  
A   H2     H N N 37  
C   OP3    O N N 38  
C   P      P N N 39  
C   OP1    O N N 40  
C   OP2    O N N 41  
C   "O5'"  O N N 42  
C   "C5'"  C N N 43  
C   "C4'"  C N R 44  
C   "O4'"  O N N 45  
C   "C3'"  C N S 46  
C   "O3'"  O N N 47  
C   "C2'"  C N R 48  
C   "O2'"  O N N 49  
C   "C1'"  C N R 50  
C   N1     N N N 51  
C   C2     C N N 52  
C   O2     O N N 53  
C   N3     N N N 54  
C   C4     C N N 55  
C   N4     N N N 56  
C   C5     C N N 57  
C   C6     C N N 58  
C   HOP3   H N N 59  
C   HOP2   H N N 60  
C   "H5'"  H N N 61  
C   "H5''" H N N 62  
C   "H4'"  H N N 63  
C   "H3'"  H N N 64  
C   "HO3'" H N N 65  
C   "H2'"  H N N 66  
C   "HO2'" H N N 67  
C   "H1'"  H N N 68  
C   H41    H N N 69  
C   H42    H N N 70  
C   H5     H N N 71  
C   H6     H N N 72  
G   OP3    O N N 73  
G   P      P N N 74  
G   OP1    O N N 75  
G   OP2    O N N 76  
G   "O5'"  O N N 77  
G   "C5'"  C N N 78  
G   "C4'"  C N R 79  
G   "O4'"  O N N 80  
G   "C3'"  C N S 81  
G   "O3'"  O N N 82  
G   "C2'"  C N R 83  
G   "O2'"  O N N 84  
G   "C1'"  C N R 85  
G   N9     N Y N 86  
G   C8     C Y N 87  
G   N7     N Y N 88  
G   C5     C Y N 89  
G   C6     C N N 90  
G   O6     O N N 91  
G   N1     N N N 92  
G   C2     C N N 93  
G   N2     N N N 94  
G   N3     N N N 95  
G   C4     C Y N 96  
G   HOP3   H N N 97  
G   HOP2   H N N 98  
G   "H5'"  H N N 99  
G   "H5''" H N N 100 
G   "H4'"  H N N 101 
G   "H3'"  H N N 102 
G   "HO3'" H N N 103 
G   "H2'"  H N N 104 
G   "HO2'" H N N 105 
G   "H1'"  H N N 106 
G   H8     H N N 107 
G   H1     H N N 108 
G   H21    H N N 109 
G   H22    H N N 110 
HOH O      O N N 111 
HOH H1     H N N 112 
HOH H2     H N N 113 
U   OP3    O N N 114 
U   P      P N N 115 
U   OP1    O N N 116 
U   OP2    O N N 117 
U   "O5'"  O N N 118 
U   "C5'"  C N N 119 
U   "C4'"  C N R 120 
U   "O4'"  O N N 121 
U   "C3'"  C N S 122 
U   "O3'"  O N N 123 
U   "C2'"  C N R 124 
U   "O2'"  O N N 125 
U   "C1'"  C N R 126 
U   N1     N N N 127 
U   C2     C N N 128 
U   O2     O N N 129 
U   N3     N N N 130 
U   C4     C N N 131 
U   O4     O N N 132 
U   C5     C N N 133 
U   C6     C N N 134 
U   HOP3   H N N 135 
U   HOP2   H N N 136 
U   "H5'"  H N N 137 
U   "H5''" H N N 138 
U   "H4'"  H N N 139 
U   "H3'"  H N N 140 
U   "HO3'" H N N 141 
U   "H2'"  H N N 142 
U   "HO2'" H N N 143 
U   "H1'"  H N N 144 
U   H3     H N N 145 
U   H5     H N N 146 
U   H6     H N N 147 
# 
loop_
_chem_comp_bond.comp_id 
_chem_comp_bond.atom_id_1 
_chem_comp_bond.atom_id_2 
_chem_comp_bond.value_order 
_chem_comp_bond.pdbx_aromatic_flag 
_chem_comp_bond.pdbx_stereo_config 
_chem_comp_bond.pdbx_ordinal 
A   OP3   P      sing N N 1   
A   OP3   HOP3   sing N N 2   
A   P     OP1    doub N N 3   
A   P     OP2    sing N N 4   
A   P     "O5'"  sing N N 5   
A   OP2   HOP2   sing N N 6   
A   "O5'" "C5'"  sing N N 7   
A   "C5'" "C4'"  sing N N 8   
A   "C5'" "H5'"  sing N N 9   
A   "C5'" "H5''" sing N N 10  
A   "C4'" "O4'"  sing N N 11  
A   "C4'" "C3'"  sing N N 12  
A   "C4'" "H4'"  sing N N 13  
A   "O4'" "C1'"  sing N N 14  
A   "C3'" "O3'"  sing N N 15  
A   "C3'" "C2'"  sing N N 16  
A   "C3'" "H3'"  sing N N 17  
A   "O3'" "HO3'" sing N N 18  
A   "C2'" "O2'"  sing N N 19  
A   "C2'" "C1'"  sing N N 20  
A   "C2'" "H2'"  sing N N 21  
A   "O2'" "HO2'" sing N N 22  
A   "C1'" N9     sing N N 23  
A   "C1'" "H1'"  sing N N 24  
A   N9    C8     sing Y N 25  
A   N9    C4     sing Y N 26  
A   C8    N7     doub Y N 27  
A   C8    H8     sing N N 28  
A   N7    C5     sing Y N 29  
A   C5    C6     sing Y N 30  
A   C5    C4     doub Y N 31  
A   C6    N6     sing N N 32  
A   C6    N1     doub Y N 33  
A   N6    H61    sing N N 34  
A   N6    H62    sing N N 35  
A   N1    C2     sing Y N 36  
A   C2    N3     doub Y N 37  
A   C2    H2     sing N N 38  
A   N3    C4     sing Y N 39  
C   OP3   P      sing N N 40  
C   OP3   HOP3   sing N N 41  
C   P     OP1    doub N N 42  
C   P     OP2    sing N N 43  
C   P     "O5'"  sing N N 44  
C   OP2   HOP2   sing N N 45  
C   "O5'" "C5'"  sing N N 46  
C   "C5'" "C4'"  sing N N 47  
C   "C5'" "H5'"  sing N N 48  
C   "C5'" "H5''" sing N N 49  
C   "C4'" "O4'"  sing N N 50  
C   "C4'" "C3'"  sing N N 51  
C   "C4'" "H4'"  sing N N 52  
C   "O4'" "C1'"  sing N N 53  
C   "C3'" "O3'"  sing N N 54  
C   "C3'" "C2'"  sing N N 55  
C   "C3'" "H3'"  sing N N 56  
C   "O3'" "HO3'" sing N N 57  
C   "C2'" "O2'"  sing N N 58  
C   "C2'" "C1'"  sing N N 59  
C   "C2'" "H2'"  sing N N 60  
C   "O2'" "HO2'" sing N N 61  
C   "C1'" N1     sing N N 62  
C   "C1'" "H1'"  sing N N 63  
C   N1    C2     sing N N 64  
C   N1    C6     sing N N 65  
C   C2    O2     doub N N 66  
C   C2    N3     sing N N 67  
C   N3    C4     doub N N 68  
C   C4    N4     sing N N 69  
C   C4    C5     sing N N 70  
C   N4    H41    sing N N 71  
C   N4    H42    sing N N 72  
C   C5    C6     doub N N 73  
C   C5    H5     sing N N 74  
C   C6    H6     sing N N 75  
G   OP3   P      sing N N 76  
G   OP3   HOP3   sing N N 77  
G   P     OP1    doub N N 78  
G   P     OP2    sing N N 79  
G   P     "O5'"  sing N N 80  
G   OP2   HOP2   sing N N 81  
G   "O5'" "C5'"  sing N N 82  
G   "C5'" "C4'"  sing N N 83  
G   "C5'" "H5'"  sing N N 84  
G   "C5'" "H5''" sing N N 85  
G   "C4'" "O4'"  sing N N 86  
G   "C4'" "C3'"  sing N N 87  
G   "C4'" "H4'"  sing N N 88  
G   "O4'" "C1'"  sing N N 89  
G   "C3'" "O3'"  sing N N 90  
G   "C3'" "C2'"  sing N N 91  
G   "C3'" "H3'"  sing N N 92  
G   "O3'" "HO3'" sing N N 93  
G   "C2'" "O2'"  sing N N 94  
G   "C2'" "C1'"  sing N N 95  
G   "C2'" "H2'"  sing N N 96  
G   "O2'" "HO2'" sing N N 97  
G   "C1'" N9     sing N N 98  
G   "C1'" "H1'"  sing N N 99  
G   N9    C8     sing Y N 100 
G   N9    C4     sing Y N 101 
G   C8    N7     doub Y N 102 
G   C8    H8     sing N N 103 
G   N7    C5     sing Y N 104 
G   C5    C6     sing N N 105 
G   C5    C4     doub Y N 106 
G   C6    O6     doub N N 107 
G   C6    N1     sing N N 108 
G   N1    C2     sing N N 109 
G   N1    H1     sing N N 110 
G   C2    N2     sing N N 111 
G   C2    N3     doub N N 112 
G   N2    H21    sing N N 113 
G   N2    H22    sing N N 114 
G   N3    C4     sing N N 115 
HOH O     H1     sing N N 116 
HOH O     H2     sing N N 117 
U   OP3   P      sing N N 118 
U   OP3   HOP3   sing N N 119 
U   P     OP1    doub N N 120 
U   P     OP2    sing N N 121 
U   P     "O5'"  sing N N 122 
U   OP2   HOP2   sing N N 123 
U   "O5'" "C5'"  sing N N 124 
U   "C5'" "C4'"  sing N N 125 
U   "C5'" "H5'"  sing N N 126 
U   "C5'" "H5''" sing N N 127 
U   "C4'" "O4'"  sing N N 128 
U   "C4'" "C3'"  sing N N 129 
U   "C4'" "H4'"  sing N N 130 
U   "O4'" "C1'"  sing N N 131 
U   "C3'" "O3'"  sing N N 132 
U   "C3'" "C2'"  sing N N 133 
U   "C3'" "H3'"  sing N N 134 
U   "O3'" "HO3'" sing N N 135 
U   "C2'" "O2'"  sing N N 136 
U   "C2'" "C1'"  sing N N 137 
U   "C2'" "H2'"  sing N N 138 
U   "O2'" "HO2'" sing N N 139 
U   "C1'" N1     sing N N 140 
U   "C1'" "H1'"  sing N N 141 
U   N1    C2     sing N N 142 
U   N1    C6     sing N N 143 
U   C2    O2     doub N N 144 
U   C2    N3     sing N N 145 
U   N3    C4     sing N N 146 
U   N3    H3     sing N N 147 
U   C4    O4     doub N N 148 
U   C4    C5     sing N N 149 
U   C5    C6     doub N N 150 
U   C5    H5     sing N N 151 
U   C6    H6     sing N N 152 
# 
_ndb_struct_conf_na.entry_id   2V6W 
_ndb_struct_conf_na.feature    'a-form double helix' 
# 
loop_
_ndb_struct_na_base_pair.model_number 
_ndb_struct_na_base_pair.i_label_asym_id 
_ndb_struct_na_base_pair.i_label_comp_id 
_ndb_struct_na_base_pair.i_label_seq_id 
_ndb_struct_na_base_pair.i_symmetry 
_ndb_struct_na_base_pair.j_label_asym_id 
_ndb_struct_na_base_pair.j_label_comp_id 
_ndb_struct_na_base_pair.j_label_seq_id 
_ndb_struct_na_base_pair.j_symmetry 
_ndb_struct_na_base_pair.shear 
_ndb_struct_na_base_pair.stretch 
_ndb_struct_na_base_pair.stagger 
_ndb_struct_na_base_pair.buckle 
_ndb_struct_na_base_pair.propeller 
_ndb_struct_na_base_pair.opening 
_ndb_struct_na_base_pair.pair_number 
_ndb_struct_na_base_pair.pair_name 
_ndb_struct_na_base_pair.i_auth_asym_id 
_ndb_struct_na_base_pair.i_auth_seq_id 
_ndb_struct_na_base_pair.i_PDB_ins_code 
_ndb_struct_na_base_pair.j_auth_asym_id 
_ndb_struct_na_base_pair.j_auth_seq_id 
_ndb_struct_na_base_pair.j_PDB_ins_code 
_ndb_struct_na_base_pair.hbond_type_28 
_ndb_struct_na_base_pair.hbond_type_12 
1 A G 1 1_555 B C 7 1_555 -0.364 -0.239 -0.119 -7.353  -5.610  -0.866 1 A_G1:C72_B A 1 ? B 72 ? 19 1 
1 A G 2 1_555 B C 6 1_555 -0.365 -0.197 -0.173 -10.452 -13.741 0.416  2 A_G2:C71_B A 2 ? B 71 ? 19 1 
1 A A 3 1_555 B U 5 1_555 -0.039 -0.093 0.006  -2.257  -2.951  -0.577 3 A_A3:U70_B A 3 ? B 70 ? 20 1 
1 A G 4 1_555 B C 4 1_555 -0.229 -0.149 -0.073 -5.455  -11.978 0.829  4 A_G4:C69_B A 4 ? B 69 ? 19 1 
1 A A 5 1_555 B U 3 1_555 -0.073 -0.115 0.035  -3.407  -6.881  -3.616 5 A_A5:U68_B A 5 ? B 68 ? 20 1 
1 A G 6 1_555 B C 2 1_555 -0.344 -0.227 -0.041 -5.562  -15.044 -1.519 6 A_G6:C67_B A 6 ? B 67 ? 19 1 
1 A A 7 1_555 B U 1 1_555 0.157  -0.142 -0.077 -6.703  -12.162 1.024  7 A_A7:U66_B A 7 ? B 66 ? 20 1 
# 
loop_
_ndb_struct_na_base_pair_step.model_number 
_ndb_struct_na_base_pair_step.i_label_asym_id_1 
_ndb_struct_na_base_pair_step.i_label_comp_id_1 
_ndb_struct_na_base_pair_step.i_label_seq_id_1 
_ndb_struct_na_base_pair_step.i_symmetry_1 
_ndb_struct_na_base_pair_step.j_label_asym_id_1 
_ndb_struct_na_base_pair_step.j_label_comp_id_1 
_ndb_struct_na_base_pair_step.j_label_seq_id_1 
_ndb_struct_na_base_pair_step.j_symmetry_1 
_ndb_struct_na_base_pair_step.i_label_asym_id_2 
_ndb_struct_na_base_pair_step.i_label_comp_id_2 
_ndb_struct_na_base_pair_step.i_label_seq_id_2 
_ndb_struct_na_base_pair_step.i_symmetry_2 
_ndb_struct_na_base_pair_step.j_label_asym_id_2 
_ndb_struct_na_base_pair_step.j_label_comp_id_2 
_ndb_struct_na_base_pair_step.j_label_seq_id_2 
_ndb_struct_na_base_pair_step.j_symmetry_2 
_ndb_struct_na_base_pair_step.shift 
_ndb_struct_na_base_pair_step.slide 
_ndb_struct_na_base_pair_step.rise 
_ndb_struct_na_base_pair_step.tilt 
_ndb_struct_na_base_pair_step.roll 
_ndb_struct_na_base_pair_step.twist 
_ndb_struct_na_base_pair_step.x_displacement 
_ndb_struct_na_base_pair_step.y_displacement 
_ndb_struct_na_base_pair_step.helical_rise 
_ndb_struct_na_base_pair_step.inclination 
_ndb_struct_na_base_pair_step.tip 
_ndb_struct_na_base_pair_step.helical_twist 
_ndb_struct_na_base_pair_step.step_number 
_ndb_struct_na_base_pair_step.step_name 
_ndb_struct_na_base_pair_step.i_auth_asym_id_1 
_ndb_struct_na_base_pair_step.i_auth_seq_id_1 
_ndb_struct_na_base_pair_step.i_PDB_ins_code_1 
_ndb_struct_na_base_pair_step.j_auth_asym_id_1 
_ndb_struct_na_base_pair_step.j_auth_seq_id_1 
_ndb_struct_na_base_pair_step.j_PDB_ins_code_1 
_ndb_struct_na_base_pair_step.i_auth_asym_id_2 
_ndb_struct_na_base_pair_step.i_auth_seq_id_2 
_ndb_struct_na_base_pair_step.i_PDB_ins_code_2 
_ndb_struct_na_base_pair_step.j_auth_asym_id_2 
_ndb_struct_na_base_pair_step.j_auth_seq_id_2 
_ndb_struct_na_base_pair_step.j_PDB_ins_code_2 
1 A G 1 1_555 B C 7 1_555 A G 2 1_555 B C 6 1_555 -0.199 -1.933 3.375 0.371  5.475  31.957 -4.409 0.420  3.008 9.854  -0.669 
32.412 1 AA_G1G2:C71C72_BB A 1 ? B 72 ? A 2 ? B 71 ? 
1 A G 2 1_555 B C 6 1_555 A A 3 1_555 B U 5 1_555 -0.367 -1.229 3.100 -2.555 4.747  32.074 -2.963 0.241  2.913 8.516  4.584  
32.513 2 AA_G2A3:U70C71_BB A 2 ? B 71 ? A 3 ? B 70 ? 
1 A A 3 1_555 B U 5 1_555 A G 4 1_555 B C 4 1_555 1.038  -2.086 3.278 3.640  10.426 25.743 -6.550 -1.366 2.390 22.148 -7.733 
27.975 3 AA_A3G4:C69U70_BB A 3 ? B 70 ? A 4 ? B 69 ? 
1 A G 4 1_555 B C 4 1_555 A A 5 1_555 B U 3 1_555 -1.092 -1.617 3.140 -3.161 5.020  35.217 -3.322 1.351  2.972 8.225  5.178  
35.698 4 AA_G4A5:U68C69_BB A 4 ? B 69 ? A 5 ? B 68 ? 
1 A A 5 1_555 B U 3 1_555 A G 6 1_555 B C 2 1_555 0.222  -1.450 3.294 1.399  8.211  30.110 -4.180 -0.159 2.817 15.438 -2.630 
31.215 5 AA_A5G6:C67U68_BB A 5 ? B 68 ? A 6 ? B 67 ? 
1 A G 6 1_555 B C 2 1_555 A A 7 1_555 B U 1 1_555 0.654  -1.437 3.284 3.311  5.543  36.165 -3.024 -0.594 3.083 8.843  -5.281 
36.718 6 AA_G6A7:U66C67_BB A 6 ? B 67 ? A 7 ? B 66 ? 
# 
_atom_sites.entry_id                    2V6W 
_atom_sites.fract_transf_matrix[1][1]   0.01300269 
_atom_sites.fract_transf_matrix[1][2]   0.00384604 
_atom_sites.fract_transf_matrix[1][3]   0.02630624 
_atom_sites.fract_transf_matrix[2][1]   0.00039202 
_atom_sites.fract_transf_matrix[2][2]   0.02539231 
_atom_sites.fract_transf_matrix[2][3]   -0.00390619 
_atom_sites.fract_transf_matrix[3][1]   -0.02380487 
_atom_sites.fract_transf_matrix[3][2]   0.00419711 
_atom_sites.fract_transf_matrix[3][3]   0.02489444 
_atom_sites.fract_transf_vector[1]      0.315291 
_atom_sites.fract_transf_vector[2]      -0.000855 
_atom_sites.fract_transf_vector[3]      0.126787 
# 
loop_
_atom_type.symbol 
C 
N 
O 
P 
# 
loop_
_atom_site.group_PDB 
_atom_site.id 
_atom_site.type_symbol 
_atom_site.label_atom_id 
_atom_site.label_alt_id 
_atom_site.label_comp_id 
_atom_site.label_asym_id 
_atom_site.label_entity_id 
_atom_site.label_seq_id 
_atom_site.pdbx_PDB_ins_code 
_atom_site.Cartn_x 
_atom_site.Cartn_y 
_atom_site.Cartn_z 
_atom_site.occupancy 
_atom_site.B_iso_or_equiv 
_atom_site.pdbx_formal_charge 
_atom_site.auth_seq_id 
_atom_site.auth_comp_id 
_atom_site.auth_asym_id 
_atom_site.auth_atom_id 
_atom_site.pdbx_PDB_model_num 
ATOM   1   O "O5'" . G   A 1 1 ? -10.519 3.824   5.097   1.00 21.18 ? 1    G   A "O5'" 1 
ATOM   2   C "C5'" . G   A 1 1 ? -11.362 4.986   5.032   1.00 22.92 ? 1    G   A "C5'" 1 
ATOM   3   C "C4'" . G   A 1 1 ? -10.586 6.286   5.201   1.00 21.85 ? 1    G   A "C4'" 1 
ATOM   4   O "O4'" . G   A 1 1 ? -10.018 6.255   6.509   1.00 20.88 ? 1    G   A "O4'" 1 
ATOM   5   C "C3'" . G   A 1 1 ? -9.354  6.508   4.337   1.00 22.17 ? 1    G   A "C3'" 1 
ATOM   6   O "O3'" . G   A 1 1 ? -9.723  7.043   3.069   1.00 21.68 ? 1    G   A "O3'" 1 
ATOM   7   C "C2'" . G   A 1 1 ? -8.590  7.530   5.186   1.00 20.74 ? 1    G   A "C2'" 1 
ATOM   8   O "O2'" . G   A 1 1 ? -9.142  8.834   5.160   1.00 20.50 ? 1    G   A "O2'" 1 
ATOM   9   C "C1'" . G   A 1 1 ? -8.752  6.912   6.562   1.00 19.35 ? 1    G   A "C1'" 1 
ATOM   10  N N9    . G   A 1 1 ? -7.733  5.903   6.848   1.00 19.39 ? 1    G   A N9    1 
ATOM   11  C C8    . G   A 1 1 ? -7.925  4.548   6.992   1.00 18.72 ? 1    G   A C8    1 
ATOM   12  N N7    . G   A 1 1 ? -6.810  3.898   7.240   1.00 20.27 ? 1    G   A N7    1 
ATOM   13  C C5    . G   A 1 1 ? -5.823  4.890   7.226   1.00 18.54 ? 1    G   A C5    1 
ATOM   14  C C6    . G   A 1 1 ? -4.432  4.773   7.398   1.00 18.77 ? 1    G   A C6    1 
ATOM   15  O O6    . G   A 1 1 ? -3.794  3.719   7.633   1.00 20.37 ? 1    G   A O6    1 
ATOM   16  N N1    . G   A 1 1 ? -3.772  6.014   7.326   1.00 18.56 ? 1    G   A N1    1 
ATOM   17  C C2    . G   A 1 1 ? -4.403  7.222   7.085   1.00 18.92 ? 1    G   A C2    1 
ATOM   18  N N2    . G   A 1 1 ? -3.605  8.299   7.039   1.00 17.87 ? 1    G   A N2    1 
ATOM   19  N N3    . G   A 1 1 ? -5.730  7.327   6.904   1.00 17.26 ? 1    G   A N3    1 
ATOM   20  C C4    . G   A 1 1 ? -6.367  6.127   6.988   1.00 18.09 ? 1    G   A C4    1 
ATOM   21  P P     . G   A 1 2 ? -8.831  6.773   1.768   1.00 20.85 ? 2    G   A P     1 
ATOM   22  O OP1   . G   A 1 2 ? -9.573  7.300   0.624   1.00 21.55 ? 2    G   A OP1   1 
ATOM   23  O OP2   . G   A 1 2 ? -8.360  5.380   1.749   1.00 21.42 ? 2    G   A OP2   1 
ATOM   24  O "O5'" . G   A 1 2 ? -7.560  7.724   2.063   1.00 19.39 ? 2    G   A "O5'" 1 
ATOM   25  C "C5'" . G   A 1 2 ? -7.633  9.149   2.094   1.00 18.22 ? 2    G   A "C5'" 1 
ATOM   26  C "C4'" . G   A 1 2 ? -6.249  9.696   2.405   1.00 17.72 ? 2    G   A "C4'" 1 
ATOM   27  O "O4'" . G   A 1 2 ? -5.781  9.202   3.671   1.00 16.45 ? 2    G   A "O4'" 1 
ATOM   28  C "C3'" . G   A 1 2 ? -5.164  9.233   1.446   1.00 17.63 ? 2    G   A "C3'" 1 
ATOM   29  O "O3'" . G   A 1 2 ? -5.265  10.072  0.328   1.00 18.37 ? 2    G   A "O3'" 1 
ATOM   30  C "C2'" . G   A 1 2 ? -3.907  9.554   2.226   1.00 15.59 ? 2    G   A "C2'" 1 
ATOM   31  O "O2'" . G   A 1 2 ? -3.725  10.960  2.367   1.00 17.64 ? 2    G   A "O2'" 1 
ATOM   32  C "C1'" . G   A 1 2 ? -4.375  8.994   3.564   1.00 17.40 ? 2    G   A "C1'" 1 
ATOM   33  N N9    . G   A 1 2 ? -4.085  7.569   3.755   1.00 17.46 ? 2    G   A N9    1 
ATOM   34  C C8    . G   A 1 2 ? -4.969  6.514   3.750   1.00 16.38 ? 2    G   A C8    1 
ATOM   35  N N7    . G   A 1 2 ? -4.388  5.364   3.969   1.00 15.50 ? 2    G   A N7    1 
ATOM   36  C C5    . G   A 1 2 ? -3.038  5.680   4.147   1.00 16.35 ? 2    G   A C5    1 
ATOM   37  C C6    . G   A 1 2 ? -1.929  4.827   4.427   1.00 18.83 ? 2    G   A C6    1 
ATOM   38  O O6    . G   A 1 2 ? -1.966  3.585   4.581   1.00 19.66 ? 2    G   A O6    1 
ATOM   39  N N1    . G   A 1 2 ? -0.722  5.526   4.525   1.00 16.75 ? 2    G   A N1    1 
ATOM   40  C C2    . G   A 1 2 ? -0.614  6.898   4.361   1.00 16.95 ? 2    G   A C2    1 
ATOM   41  N N2    . G   A 1 2 ? 0.621   7.429   4.491   1.00 17.47 ? 2    G   A N2    1 
ATOM   42  N N3    . G   A 1 2 ? -1.655  7.705   4.114   1.00 17.03 ? 2    G   A N3    1 
ATOM   43  C C4    . G   A 1 2 ? -2.831  7.030   4.024   1.00 15.79 ? 2    G   A C4    1 
ATOM   44  P P     . A   A 1 3 ? -4.825  9.557   -1.102  1.00 20.81 ? 3    A   A P     1 
ATOM   45  O OP1   . A   A 1 3 ? -5.122  10.599  -2.096  1.00 20.33 ? 3    A   A OP1   1 
ATOM   46  O OP2   . A   A 1 3 ? -5.242  8.149   -1.314  1.00 20.35 ? 3    A   A OP2   1 
ATOM   47  O "O5'" . A   A 1 3 ? -3.223  9.529   -0.928  1.00 19.36 ? 3    A   A "O5'" 1 
ATOM   48  C "C5'" . A   A 1 3 ? -2.461  10.734  -0.855  1.00 18.36 ? 3    A   A "C5'" 1 
ATOM   49  C "C4'" . A   A 1 3 ? -0.992  10.352  -0.757  1.00 16.51 ? 3    A   A "C4'" 1 
ATOM   50  O "O4'" . A   A 1 3 ? -0.730  9.719   0.516   1.00 17.46 ? 3    A   A "O4'" 1 
ATOM   51  C "C3'" . A   A 1 3 ? -0.546  9.313   -1.765  1.00 19.45 ? 3    A   A "C3'" 1 
ATOM   52  O "O3'" . A   A 1 3 ? -0.368  9.932   -3.055  1.00 17.64 ? 3    A   A "O3'" 1 
ATOM   53  C "C2'" . A   A 1 3 ? 0.749   8.853   -1.108  1.00 19.96 ? 3    A   A "C2'" 1 
ATOM   54  O "O2'" . A   A 1 3 ? 1.764   9.855   -1.178  1.00 19.46 ? 3    A   A "O2'" 1 
ATOM   55  C "C1'" . A   A 1 3 ? 0.243   8.709   0.332   1.00 18.55 ? 3    A   A "C1'" 1 
ATOM   56  N N9    . A   A 1 3 ? -0.337  7.406   0.626   1.00 17.93 ? 3    A   A N9    1 
ATOM   57  C C8    . A   A 1 3 ? -1.662  7.006   0.582   1.00 16.78 ? 3    A   A C8    1 
ATOM   58  N N7    . A   A 1 3 ? -1.839  5.737   0.914   1.00 18.04 ? 3    A   A N7    1 
ATOM   59  C C5    . A   A 1 3 ? -0.538  5.294   1.180   1.00 17.19 ? 3    A   A C5    1 
ATOM   60  C C6    . A   A 1 3 ? -0.031  4.047   1.590   1.00 17.58 ? 3    A   A C6    1 
ATOM   61  N N6    . A   A 1 3 ? -0.818  2.993   1.806   1.00 16.54 ? 3    A   A N6    1 
ATOM   62  N N1    . A   A 1 3 ? 1.307   3.949   1.789   1.00 18.31 ? 3    A   A N1    1 
ATOM   63  C C2    . A   A 1 3 ? 2.106   5.016   1.557   1.00 18.16 ? 3    A   A C2    1 
ATOM   64  N N3    . A   A 1 3 ? 1.748   6.254   1.178   1.00 17.66 ? 3    A   A N3    1 
ATOM   65  C C4    . A   A 1 3 ? 0.396   6.311   1.004   1.00 16.68 ? 3    A   A C4    1 
ATOM   66  P P     . G   A 1 4 ? -0.355  9.088   -4.389  1.00 20.83 ? 4    G   A P     1 
ATOM   67  O OP1   . G   A 1 4 ? -0.405  9.975   -5.581  1.00 20.36 ? 4    G   A OP1   1 
ATOM   68  O OP2   . G   A 1 4 ? -1.416  8.042   -4.300  1.00 22.22 ? 4    G   A OP2   1 
ATOM   69  O "O5'" . G   A 1 4 ? 1.018   8.298   -4.215  1.00 21.01 ? 4    G   A "O5'" 1 
ATOM   70  C "C5'" . G   A 1 4 ? 1.182   6.988   -4.655  1.00 20.89 ? 4    G   A "C5'" 1 
ATOM   71  C "C4'" . G   A 1 4 ? 2.472   6.497   -4.053  1.00 18.99 ? 4    G   A "C4'" 1 
ATOM   72  O "O4'" . G   A 1 4 ? 2.292   6.348   -2.624  1.00 19.06 ? 4    G   A "O4'" 1 
ATOM   73  C "C3'" . G   A 1 4 ? 2.870   5.113   -4.550  1.00 18.96 ? 4    G   A "C3'" 1 
ATOM   74  O "O3'" . G   A 1 4 ? 3.660   5.251   -5.712  1.00 20.58 ? 4    G   A "O3'" 1 
ATOM   75  C "C2'" . G   A 1 4 ? 3.657   4.581   -3.359  1.00 18.60 ? 4    G   A "C2'" 1 
ATOM   76  O "O2'" . G   A 1 4 ? 4.976   5.077   -3.306  1.00 20.76 ? 4    G   A "O2'" 1 
ATOM   77  C "C1'" . G   A 1 4 ? 2.813   5.096   -2.185  1.00 17.08 ? 4    G   A "C1'" 1 
ATOM   78  N N9    . G   A 1 4 ? 1.691   4.193   -1.879  1.00 16.98 ? 4    G   A N9    1 
ATOM   79  C C8    . G   A 1 4 ? 0.332   4.419   -2.031  1.00 16.94 ? 4    G   A C8    1 
ATOM   80  N N7    . G   A 1 4 ? -0.404  3.388   -1.657  1.00 18.58 ? 4    G   A N7    1 
ATOM   81  C C5    . G   A 1 4 ? 0.548   2.431   -1.268  1.00 16.30 ? 4    G   A C5    1 
ATOM   82  C C6    . G   A 1 4 ? 0.367   1.115   -0.768  1.00 18.23 ? 4    G   A C6    1 
ATOM   83  O O6    . G   A 1 4 ? -0.720  0.548   -0.594  1.00 17.30 ? 4    G   A O6    1 
ATOM   84  N N1    . G   A 1 4 ? 1.573   0.450   -0.447  1.00 16.65 ? 4    G   A N1    1 
ATOM   85  C C2    . G   A 1 4 ? 2.818   1.020   -0.602  1.00 17.49 ? 4    G   A C2    1 
ATOM   86  N N2    . G   A 1 4 ? 3.853   0.213   -0.255  1.00 16.32 ? 4    G   A N2    1 
ATOM   87  N N3    . G   A 1 4 ? 3.000   2.274   -1.069  1.00 15.36 ? 4    G   A N3    1 
ATOM   88  C C4    . G   A 1 4 ? 1.825   2.910   -1.383  1.00 16.74 ? 4    G   A C4    1 
ATOM   89  P P     . A   A 1 5 ? 3.702   4.149   -6.859  1.00 20.51 ? 5    A   A P     1 
ATOM   90  O OP1   . A   A 1 5 ? 4.421   4.712   -7.997  1.00 19.10 ? 5    A   A OP1   1 
ATOM   91  O OP2   . A   A 1 5 ? 2.379   3.505   -7.027  1.00 20.02 ? 5    A   A OP2   1 
ATOM   92  O "O5'" . A   A 1 5 ? 4.671   3.030   -6.280  1.00 18.45 ? 5    A   A "O5'" 1 
ATOM   93  C "C5'" . A   A 1 5 ? 6.070   3.210   -6.052  1.00 17.85 ? 5    A   A "C5'" 1 
ATOM   94  C "C4'" . A   A 1 5 ? 6.684   1.874   -5.629  1.00 13.64 ? 5    A   A "C4'" 1 
ATOM   95  O "O4'" . A   A 1 5 ? 6.226   1.648   -4.281  1.00 16.08 ? 5    A   A "O4'" 1 
ATOM   96  C "C3'" . A   A 1 5 ? 6.164   0.659   -6.370  1.00 15.35 ? 5    A   A "C3'" 1 
ATOM   97  O "O3'" . A   A 1 5 ? 6.933   0.470   -7.531  1.00 16.94 ? 5    A   A "O3'" 1 
ATOM   98  C "C2'" . A   A 1 5 ? 6.436   -0.421  -5.347  1.00 14.23 ? 5    A   A "C2'" 1 
ATOM   99  O "O2'" . A   A 1 5 ? 7.842   -0.571  -5.211  1.00 17.11 ? 5    A   A "O2'" 1 
ATOM   100 C "C1'" . A   A 1 5 ? 5.915   0.253   -4.093  1.00 15.97 ? 5    A   A "C1'" 1 
ATOM   101 N N9    . A   A 1 5 ? 4.476   0.071   -3.920  1.00 15.10 ? 5    A   A N9    1 
ATOM   102 C C8    . A   A 1 5 ? 3.492   0.981   -4.221  1.00 14.67 ? 5    A   A C8    1 
ATOM   103 N N7    . A   A 1 5 ? 2.275   0.535   -3.980  1.00 17.08 ? 5    A   A N7    1 
ATOM   104 C C5    . A   A 1 5 ? 2.492   -0.763  -3.501  1.00 15.82 ? 5    A   A C5    1 
ATOM   105 C C6    . A   A 1 5 ? 1.599   -1.781  -3.056  1.00 17.75 ? 5    A   A C6    1 
ATOM   106 N N6    . A   A 1 5 ? 0.271   -1.583  -3.030  1.00 15.22 ? 5    A   A N6    1 
ATOM   107 N N1    . A   A 1 5 ? 2.130   -2.980  -2.648  1.00 16.19 ? 5    A   A N1    1 
ATOM   108 C C2    . A   A 1 5 ? 3.472   -3.112  -2.684  1.00 15.48 ? 5    A   A C2    1 
ATOM   109 N N3    . A   A 1 5 ? 4.404   -2.230  -3.094  1.00 14.33 ? 5    A   A N3    1 
ATOM   110 C C4    . A   A 1 5 ? 3.848   -1.061  -3.472  1.00 14.59 ? 5    A   A C4    1 
ATOM   111 P P     . G   A 1 6 ? 6.357   -0.302  -8.801  1.00 18.70 ? 6    G   A P     1 
ATOM   112 O OP1   . G   A 1 6 ? 7.319   -0.158  -9.899  1.00 20.09 ? 6    G   A OP1   1 
ATOM   113 O OP2   . G   A 1 6 ? 4.954   0.070   -9.047  1.00 17.19 ? 6    G   A OP2   1 
ATOM   114 O "O5'" . G   A 1 6 ? 6.298   -1.838  -8.353  1.00 15.90 ? 6    G   A "O5'" 1 
ATOM   115 C "C5'" . G   A 1 6 ? 7.489   -2.548  -8.030  1.00 16.68 ? 6    G   A "C5'" 1 
ATOM   116 C "C4'" . G   A 1 6 ? 7.094   -3.883  -7.413  1.00 16.08 ? 6    G   A "C4'" 1 
ATOM   117 O "O4'" . G   A 1 6 ? 6.352   -3.629  -6.199  1.00 17.87 ? 6    G   A "O4'" 1 
ATOM   118 C "C3'" . G   A 1 6 ? 6.104   -4.698  -8.226  1.00 17.25 ? 6    G   A "C3'" 1 
ATOM   119 O "O3'" . G   A 1 6 ? 6.766   -5.399  -9.248  1.00 17.65 ? 6    G   A "O3'" 1 
ATOM   120 C "C2'" . G   A 1 6 ? 5.518   -5.632  -7.174  1.00 17.04 ? 6    G   A "C2'" 1 
ATOM   121 O "O2'" . G   A 1 6 ? 6.413   -6.638  -6.740  1.00 18.80 ? 6    G   A "O2'" 1 
ATOM   122 C "C1'" . G   A 1 6 ? 5.334   -4.612  -6.067  1.00 17.99 ? 6    G   A "C1'" 1 
ATOM   123 N N9    . G   A 1 6 ? 4.032   -3.964  -6.140  1.00 17.59 ? 6    G   A N9    1 
ATOM   124 C C8    . G   A 1 6 ? 3.702   -2.689  -6.560  1.00 17.34 ? 6    G   A C8    1 
ATOM   125 N N7    . G   A 1 6 ? 2.412   -2.443  -6.475  1.00 16.93 ? 6    G   A N7    1 
ATOM   126 C C5    . G   A 1 6 ? 1.889   -3.626  -5.940  1.00 16.35 ? 6    G   A C5    1 
ATOM   127 C C6    . G   A 1 6 ? 0.557   -3.990  -5.609  1.00 18.27 ? 6    G   A C6    1 
ATOM   128 O O6    . G   A 1 6 ? -0.451  -3.289  -5.728  1.00 18.04 ? 6    G   A O6    1 
ATOM   129 N N1    . G   A 1 6 ? 0.434   -5.298  -5.099  1.00 17.19 ? 6    G   A N1    1 
ATOM   130 C C2    . G   A 1 6 ? 1.481   -6.156  -4.940  1.00 17.71 ? 6    G   A C2    1 
ATOM   131 N N2    . G   A 1 6 ? 1.172   -7.357  -4.445  1.00 17.54 ? 6    G   A N2    1 
ATOM   132 N N3    . G   A 1 6 ? 2.752   -5.838  -5.229  1.00 17.25 ? 6    G   A N3    1 
ATOM   133 C C4    . G   A 1 6 ? 2.863   -4.571  -5.747  1.00 16.90 ? 6    G   A C4    1 
ATOM   134 P P     . A   A 1 7 ? 6.021   -5.667  -10.610 1.00 19.59 ? 7    A   A P     1 
ATOM   135 O OP1   . A   A 1 7 ? 7.021   -6.314  -11.472 1.00 20.86 ? 7    A   A OP1   1 
ATOM   136 O OP2   . A   A 1 7 ? 5.336   -4.458  -11.098 1.00 20.02 ? 7    A   A OP2   1 
ATOM   137 O "O5'" . A   A 1 7 ? 4.880   -6.745  -10.291 1.00 17.48 ? 7    A   A "O5'" 1 
ATOM   138 C "C5'" . A   A 1 7 ? 5.234   -8.064  -9.780  1.00 18.33 ? 7    A   A "C5'" 1 
ATOM   139 C "C4'" . A   A 1 7 ? 3.980   -8.814  -9.348  1.00 16.09 ? 7    A   A "C4'" 1 
ATOM   140 O "O4'" . A   A 1 7 ? 3.370   -8.060  -8.295  1.00 18.77 ? 7    A   A "O4'" 1 
ATOM   141 C "C3'" . A   A 1 7 ? 2.858   -8.895  -10.361 1.00 18.04 ? 7    A   A "C3'" 1 
ATOM   142 O "O3'" . A   A 1 7 ? 3.080   -9.919  -11.309 1.00 19.30 ? 7    A   A "O3'" 1 
ATOM   143 C "C2'" . A   A 1 7 ? 1.682   -9.220  -9.446  1.00 17.36 ? 7    A   A "C2'" 1 
ATOM   144 O "O2'" . A   A 1 7 ? 1.710   -10.545 -8.974  1.00 19.20 ? 7    A   A "O2'" 1 
ATOM   145 C "C1'" . A   A 1 7 ? 1.963   -8.268  -8.281  1.00 18.09 ? 7    A   A "C1'" 1 
ATOM   146 N N9    . A   A 1 7 ? 1.284   -6.981  -8.461  1.00 18.10 ? 7    A   A N9    1 
ATOM   147 C C8    . A   A 1 7 ? 1.795   -5.821  -8.989  1.00 18.58 ? 7    A   A C8    1 
ATOM   148 N N7    . A   A 1 7 ? 0.912   -4.825  -9.026  1.00 19.03 ? 7    A   A N7    1 
ATOM   149 C C5    . A   A 1 7 ? -0.236  -5.392  -8.506  1.00 16.81 ? 7    A   A C5    1 
ATOM   150 C C6    . A   A 1 7 ? -1.518  -4.874  -8.286  1.00 19.11 ? 7    A   A C6    1 
ATOM   151 N N6    . A   A 1 7 ? -1.799  -3.588  -8.594  1.00 18.52 ? 7    A   A N6    1 
ATOM   152 N N1    . A   A 1 7 ? -2.462  -5.703  -7.756  1.00 19.75 ? 7    A   A N1    1 
ATOM   153 C C2    . A   A 1 7 ? -2.128  -6.978  -7.463  1.00 18.80 ? 7    A   A C2    1 
ATOM   154 N N3    . A   A 1 7 ? -0.931  -7.571  -7.617  1.00 18.06 ? 7    A   A N3    1 
ATOM   155 C C4    . A   A 1 7 ? -0.032  -6.724  -8.168  1.00 17.94 ? 7    A   A C4    1 
ATOM   156 O "O5'" . U   B 2 1 ? -10.060 -3.709  -4.107  1.00 26.73 ? 66   U   B "O5'" 1 
ATOM   157 C "C5'" . U   B 2 1 ? -10.910 -4.870  -4.252  1.00 22.30 ? 66   U   B "C5'" 1 
ATOM   158 C "C4'" . U   B 2 1 ? -10.062 -6.122  -4.494  1.00 19.70 ? 66   U   B "C4'" 1 
ATOM   159 O "O4'" . U   B 2 1 ? -9.489  -6.076  -5.822  1.00 19.80 ? 66   U   B "O4'" 1 
ATOM   160 C "C3'" . U   B 2 1 ? -8.831  -6.320  -3.611  1.00 21.82 ? 66   U   B "C3'" 1 
ATOM   161 O "O3'" . U   B 2 1 ? -9.158  -6.909  -2.339  1.00 22.00 ? 66   U   B "O3'" 1 
ATOM   162 C "C2'" . U   B 2 1 ? -8.004  -7.270  -4.469  1.00 20.11 ? 66   U   B "C2'" 1 
ATOM   163 O "O2'" . U   B 2 1 ? -8.498  -8.588  -4.568  1.00 20.73 ? 66   U   B "O2'" 1 
ATOM   164 C "C1'" . U   B 2 1 ? -8.195  -6.668  -5.828  1.00 18.26 ? 66   U   B "C1'" 1 
ATOM   165 N N1    . U   B 2 1 ? -7.146  -5.642  -6.234  1.00 18.11 ? 66   U   B N1    1 
ATOM   166 C C2    . U   B 2 1 ? -5.910  -6.075  -6.672  1.00 18.68 ? 66   U   B C2    1 
ATOM   167 O O2    . U   B 2 1 ? -5.565  -7.268  -6.724  1.00 19.08 ? 66   U   B O2    1 
ATOM   168 N N3    . U   B 2 1 ? -5.069  -5.047  -7.065  1.00 18.56 ? 66   U   B N3    1 
ATOM   169 C C4    . U   B 2 1 ? -5.327  -3.680  -7.056  1.00 19.43 ? 66   U   B C4    1 
ATOM   170 O O4    . U   B 2 1 ? -4.461  -2.898  -7.461  1.00 20.49 ? 66   U   B O4    1 
ATOM   171 C C5    . U   B 2 1 ? -6.638  -3.311  -6.571  1.00 18.70 ? 66   U   B C5    1 
ATOM   172 C C6    . U   B 2 1 ? -7.473  -4.292  -6.188  1.00 16.54 ? 66   U   B C6    1 
ATOM   173 P P     . C   B 2 2 ? -8.189  -6.849  -1.079  1.00 22.97 ? 67   C   B P     1 
ATOM   174 O OP1   . C   B 2 2 ? -8.952  -7.501  -0.006  1.00 26.43 ? 67   C   B OP1   1 
ATOM   175 O OP2   . C   B 2 2 ? -7.721  -5.447  -0.968  1.00 23.75 ? 67   C   B OP2   1 
ATOM   176 O "O5'" . C   B 2 2 ? -6.955  -7.785  -1.403  1.00 23.07 ? 67   C   B "O5'" 1 
ATOM   177 C "C5'" . C   B 2 2 ? -7.041  -9.198  -1.474  1.00 22.35 ? 67   C   B "C5'" 1 
ATOM   178 C "C4'" . C   B 2 2 ? -5.673  -9.733  -1.874  1.00 22.38 ? 67   C   B "C4'" 1 
ATOM   179 O "O4'" . C   B 2 2 ? -5.298  -9.303  -3.208  1.00 21.07 ? 67   C   B "O4'" 1 
ATOM   180 C "C3'" . C   B 2 2 ? -4.519  -9.249  -0.999  1.00 22.22 ? 67   C   B "C3'" 1 
ATOM   181 O "O3'" . C   B 2 2 ? -4.507  -9.962  0.212   1.00 21.67 ? 67   C   B "O3'" 1 
ATOM   182 C "C2'" . C   B 2 2 ? -3.318  -9.564  -1.868  1.00 20.34 ? 67   C   B "C2'" 1 
ATOM   183 O "O2'" . C   B 2 2 ? -3.013  -10.955 -1.927  1.00 23.51 ? 67   C   B "O2'" 1 
ATOM   184 C "C1'" . C   B 2 2 ? -3.884  -9.083  -3.194  1.00 21.28 ? 67   C   B "C1'" 1 
ATOM   185 N N1    . C   B 2 2 ? -3.642  -7.620  -3.508  1.00 20.34 ? 67   C   B N1    1 
ATOM   186 C C2    . C   B 2 2 ? -2.403  -7.230  -4.032  1.00 18.94 ? 67   C   B C2    1 
ATOM   187 O O2    . C   B 2 2 ? -1.510  -8.068  -4.198  1.00 19.81 ? 67   C   B O2    1 
ATOM   188 N N3    . C   B 2 2 ? -2.229  -5.925  -4.327  1.00 16.68 ? 67   C   B N3    1 
ATOM   189 C C4    . C   B 2 2 ? -3.205  -5.043  -4.133  1.00 18.04 ? 67   C   B C4    1 
ATOM   190 N N4    . C   B 2 2 ? -2.988  -3.771  -4.447  1.00 20.94 ? 67   C   B N4    1 
ATOM   191 C C5    . C   B 2 2 ? -4.455  -5.402  -3.586  1.00 19.77 ? 67   C   B C5    1 
ATOM   192 C C6    . C   B 2 2 ? -4.620  -6.695  -3.292  1.00 17.23 ? 67   C   B C6    1 
ATOM   193 P P     . U   B 2 3 ? -3.999  -9.258  1.529   1.00 22.48 ? 68   U   B P     1 
ATOM   194 O OP1   . U   B 2 3 ? -4.231  -10.197 2.651   1.00 23.05 ? 68   U   B OP1   1 
ATOM   195 O OP2   . U   B 2 3 ? -4.553  -7.901  1.620   1.00 18.97 ? 68   U   B OP2   1 
ATOM   196 O "O5'" . U   B 2 3 ? -2.422  -9.182  1.355   1.00 19.75 ? 68   U   B "O5'" 1 
ATOM   197 C "C5'" . U   B 2 3 ? -1.590  -10.390 1.413   1.00 17.99 ? 68   U   B "C5'" 1 
ATOM   198 C "C4'" . U   B 2 3 ? -0.179  -9.979  1.024   1.00 16.84 ? 68   U   B "C4'" 1 
ATOM   199 O "O4'" . U   B 2 3 ? -0.180  -9.466  -0.337  1.00 17.17 ? 68   U   B "O4'" 1 
ATOM   200 C "C3'" . U   B 2 3 ? 0.385   -8.803  1.794   1.00 18.90 ? 68   U   B "C3'" 1 
ATOM   201 O "O3'" . U   B 2 3 ? 0.884   -9.206  3.059   1.00 19.30 ? 68   U   B "O3'" 1 
ATOM   202 C "C2'" . U   B 2 3 ? 1.525   -8.425  0.859   1.00 16.56 ? 68   U   B "C2'" 1 
ATOM   203 O "O2'" . U   B 2 3 ? 2.540   -9.402  0.849   1.00 18.33 ? 68   U   B "O2'" 1 
ATOM   204 C "C1'" . U   B 2 3 ? 0.805   -8.460  -0.464  1.00 16.94 ? 68   U   B "C1'" 1 
ATOM   205 N N1    . U   B 2 3 ? 0.156   -7.138  -0.804  1.00 16.83 ? 68   U   B N1    1 
ATOM   206 C C2    . U   B 2 3 ? 0.991   -6.151  -1.313  1.00 16.95 ? 68   U   B C2    1 
ATOM   207 O O2    . U   B 2 3 ? 2.179   -6.295  -1.499  1.00 15.25 ? 68   U   B O2    1 
ATOM   208 N N3    . U   B 2 3 ? 0.376   -4.974  -1.647  1.00 15.39 ? 68   U   B N3    1 
ATOM   209 C C4    . U   B 2 3 ? -0.954  -4.673  -1.461  1.00 16.45 ? 68   U   B C4    1 
ATOM   210 O O4    . U   B 2 3 ? -1.305  -3.562  -1.830  1.00 17.36 ? 68   U   B O4    1 
ATOM   211 C C5    . U   B 2 3 ? -1.779  -5.725  -0.904  1.00 14.99 ? 68   U   B C5    1 
ATOM   212 C C6    . U   B 2 3 ? -1.198  -6.893  -0.597  1.00 14.83 ? 68   U   B C6    1 
ATOM   213 P P     . C   B 2 4 ? 0.931   -8.175  4.257   1.00 18.64 ? 69   C   B P     1 
ATOM   214 O OP1   . C   B 2 4 ? 1.392   -8.918  5.426   1.00 18.23 ? 69   C   B OP1   1 
ATOM   215 O OP2   . C   B 2 4 ? -0.291  -7.368  4.327   1.00 19.80 ? 69   C   B OP2   1 
ATOM   216 O "O5'" . C   B 2 4 ? 2.097   -7.140  3.884   1.00 19.76 ? 69   C   B "O5'" 1 
ATOM   217 C "C5'" . C   B 2 4 ? 3.442   -7.593  3.722   1.00 17.46 ? 69   C   B "C5'" 1 
ATOM   218 C "C4'" . C   B 2 4 ? 4.273   -6.504  3.043   1.00 16.07 ? 69   C   B "C4'" 1 
ATOM   219 O "O4'" . C   B 2 4 ? 3.665   -6.173  1.785   1.00 16.12 ? 69   C   B "O4'" 1 
ATOM   220 C "C3'" . C   B 2 4 ? 4.280   -5.178  3.785   1.00 14.89 ? 69   C   B "C3'" 1 
ATOM   221 O "O3'" . C   B 2 4 ? 5.232   -5.215  4.809   1.00 16.40 ? 69   C   B "O3'" 1 
ATOM   222 C "C2'" . C   B 2 4 ? 4.738   -4.236  2.685   1.00 14.47 ? 69   C   B "C2'" 1 
ATOM   223 O "O2'" . C   B 2 4 ? 6.120   -4.413  2.410   1.00 17.62 ? 69   C   B "O2'" 1 
ATOM   224 C "C1'" . C   B 2 4 ? 3.885   -4.772  1.554   1.00 16.57 ? 69   C   B "C1'" 1 
ATOM   225 N N1    . C   B 2 4 ? 2.557   -4.068  1.426   1.00 17.53 ? 69   C   B N1    1 
ATOM   226 C C2    . C   B 2 4 ? 2.561   -2.808  0.785   1.00 16.20 ? 69   C   B C2    1 
ATOM   227 O O2    . C   B 2 4 ? 3.622   -2.332  0.367   1.00 15.69 ? 69   C   B O2    1 
ATOM   228 N N3    . C   B 2 4 ? 1.398   -2.166  0.615   1.00 15.99 ? 69   C   B N3    1 
ATOM   229 C C4    . C   B 2 4 ? 0.260   -2.694  1.098   1.00 17.29 ? 69   C   B C4    1 
ATOM   230 N N4    . C   B 2 4 ? -0.865  -1.978  0.915   1.00 18.56 ? 69   C   B N4    1 
ATOM   231 C C5    . C   B 2 4 ? 0.223   -3.958  1.782   1.00 15.10 ? 69   C   B C5    1 
ATOM   232 C C6    . C   B 2 4 ? 1.380   -4.611  1.917   1.00 15.00 ? 69   C   B C6    1 
ATOM   233 P P     . U   B 2 5 ? 5.211   -4.252  6.062   1.00 19.36 ? 70   U   B P     1 
ATOM   234 O OP1   . U   B 2 5 ? 6.224   -4.686  7.055   1.00 20.32 ? 70   U   B OP1   1 
ATOM   235 O OP2   . U   B 2 5 ? 3.794   -4.058  6.489   1.00 18.50 ? 70   U   B OP2   1 
ATOM   236 O "O5'" . U   B 2 5 ? 5.665   -2.875  5.435   1.00 18.49 ? 70   U   B "O5'" 1 
ATOM   237 C "C5'" . U   B 2 5 ? 7.022   -2.654  5.073   1.00 17.50 ? 70   U   B "C5'" 1 
ATOM   238 C "C4'" . U   B 2 5 ? 7.175   -1.232  4.602   1.00 15.99 ? 70   U   B "C4'" 1 
ATOM   239 O "O4'" . U   B 2 5 ? 6.473   -1.017  3.367   1.00 15.74 ? 70   U   B "O4'" 1 
ATOM   240 C "C3'" . U   B 2 5 ? 6.560   -0.217  5.540   1.00 14.63 ? 70   U   B "C3'" 1 
ATOM   241 O "O3'" . U   B 2 5 ? 7.389   0.037   6.656   1.00 17.43 ? 70   U   B "O3'" 1 
ATOM   242 C "C2'" . U   B 2 5 ? 6.494   0.990   4.637   1.00 15.10 ? 70   U   B "C2'" 1 
ATOM   243 O "O2'" . U   B 2 5 ? 7.759   1.573   4.383   1.00 15.04 ? 70   U   B "O2'" 1 
ATOM   244 C "C1'" . U   B 2 5 ? 5.985   0.324   3.369   1.00 16.21 ? 70   U   B "C1'" 1 
ATOM   245 N N1    . U   B 2 5 ? 4.464   0.357   3.248   1.00 16.58 ? 70   U   B N1    1 
ATOM   246 C C2    . U   B 2 5 ? 3.861   1.534   2.810   1.00 17.14 ? 70   U   B C2    1 
ATOM   247 O O2    . U   B 2 5 ? 4.517   2.526   2.525   1.00 18.18 ? 70   U   B O2    1 
ATOM   248 N N3    . U   B 2 5 ? 2.477   1.526   2.665   1.00 16.84 ? 70   U   B N3    1 
ATOM   249 C C4    . U   B 2 5 ? 1.672   0.436   2.972   1.00 17.50 ? 70   U   B C4    1 
ATOM   250 O O4    . U   B 2 5 ? 0.451   0.532   2.830   1.00 17.40 ? 70   U   B O4    1 
ATOM   251 C C5    . U   B 2 5 ? 2.365   -0.744  3.453   1.00 16.73 ? 70   U   B C5    1 
ATOM   252 C C6    . U   B 2 5 ? 3.704   -0.752  3.579   1.00 16.61 ? 70   U   B C6    1 
ATOM   253 P P     . C   B 2 6 ? 6.827   0.479   8.080   1.00 17.09 ? 71   C   B P     1 
ATOM   254 O OP1   . C   B 2 6 ? 7.858   0.270   9.125   1.00 16.64 ? 71   C   B OP1   1 
ATOM   255 O OP2   . C   B 2 6 ? 5.489   -0.141  8.334   1.00 19.34 ? 71   C   B OP2   1 
ATOM   256 O "O5'" . C   B 2 6 ? 6.536   2.037   7.928   1.00 16.66 ? 71   C   B "O5'" 1 
ATOM   257 C "C5'" . C   B 2 6 ? 7.594   2.978   7.588   1.00 17.37 ? 71   C   B "C5'" 1 
ATOM   258 C "C4'" . C   B 2 6 ? 6.983   4.252   7.030   1.00 19.28 ? 71   C   B "C4'" 1 
ATOM   259 O "O4'" . C   B 2 6 ? 6.199   3.925   5.867   1.00 19.89 ? 71   C   B "O4'" 1 
ATOM   260 C "C3'" . C   B 2 6 ? 5.948   4.924   7.913   1.00 20.25 ? 71   C   B "C3'" 1 
ATOM   261 O "O3'" . C   B 2 6 ? 6.590   5.740   8.871   1.00 19.96 ? 71   C   B "O3'" 1 
ATOM   262 C "C2'" . C   B 2 6 ? 5.183   5.755   6.897   1.00 19.07 ? 71   C   B "C2'" 1 
ATOM   263 O "O2'" . C   B 2 6 ? 5.891   6.897   6.465   1.00 19.06 ? 71   C   B "O2'" 1 
ATOM   264 C "C1'" . C   B 2 6 ? 5.078   4.782   5.739   1.00 18.75 ? 71   C   B "C1'" 1 
ATOM   265 N N1    . C   B 2 6 ? 3.795   3.987   5.768   1.00 18.30 ? 71   C   B N1    1 
ATOM   266 C C2    . C   B 2 6 ? 2.661   4.604   5.221   1.00 17.87 ? 71   C   B C2    1 
ATOM   267 O O2    . C   B 2 6 ? 2.761   5.746   4.741   1.00 17.92 ? 71   C   B O2    1 
ATOM   268 N N3    . C   B 2 6 ? 1.503   3.932   5.246   1.00 18.89 ? 71   C   B N3    1 
ATOM   269 C C4    . C   B 2 6 ? 1.420   2.705   5.771   1.00 18.42 ? 71   C   B C4    1 
ATOM   270 N N4    . C   B 2 6 ? 0.228   2.102   5.721   1.00 18.12 ? 71   C   B N4    1 
ATOM   271 C C5    . C   B 2 6 ? 2.548   2.041   6.338   1.00 17.25 ? 71   C   B C5    1 
ATOM   272 C C6    . C   B 2 6 ? 3.706   2.730   6.316   1.00 17.70 ? 71   C   B C6    1 
ATOM   273 P P     . C   B 2 7 ? 5.903   6.003   10.241  1.00 20.66 ? 72   C   B P     1 
ATOM   274 O OP1   . C   B 2 7 ? 6.913   6.756   11.028  1.00 24.18 ? 72   C   B OP1   1 
ATOM   275 O OP2   . C   B 2 7 ? 5.306   4.771   10.801  1.00 20.72 ? 72   C   B OP2   1 
ATOM   276 O "O5'" . C   B 2 7 ? 4.664   6.983   9.898   1.00 20.09 ? 72   C   B "O5'" 1 
ATOM   277 C "C5'" . C   B 2 7 ? 4.930   8.282   9.419   1.00 18.58 ? 72   C   B "C5'" 1 
ATOM   278 C "C4'" . C   B 2 7 ? 3.628   8.966   9.040   1.00 17.61 ? 72   C   B "C4'" 1 
ATOM   279 O "O4'" . C   B 2 7 ? 3.023   8.299   7.925   1.00 17.84 ? 72   C   B "O4'" 1 
ATOM   280 C "C3'" . C   B 2 7 ? 2.542   8.918   10.096  1.00 19.49 ? 72   C   B "C3'" 1 
ATOM   281 O "O3'" . C   B 2 7 ? 2.720   9.902   11.066  1.00 21.42 ? 72   C   B "O3'" 1 
ATOM   282 C "C2'" . C   B 2 7 ? 1.319   9.235   9.276   1.00 18.24 ? 72   C   B "C2'" 1 
ATOM   283 O "O2'" . C   B 2 7 ? 1.276   10.612  8.956   1.00 22.07 ? 72   C   B "O2'" 1 
ATOM   284 C "C1'" . C   B 2 7 ? 1.611   8.423   8.021   1.00 18.31 ? 72   C   B "C1'" 1 
ATOM   285 N N1    . C   B 2 7 ? 0.980   7.069   8.116   1.00 17.18 ? 72   C   B N1    1 
ATOM   286 C C2    . C   B 2 7 ? -0.369  6.990   7.776   1.00 16.15 ? 72   C   B C2    1 
ATOM   287 O O2    . C   B 2 7 ? -0.963  8.013   7.419   1.00 19.11 ? 72   C   B O2    1 
ATOM   288 N N3    . C   B 2 7 ? -1.015  5.821   7.845   1.00 18.58 ? 72   C   B N3    1 
ATOM   289 C C4    . C   B 2 7 ? -0.374  4.743   8.249   1.00 18.53 ? 72   C   B C4    1 
ATOM   290 N N4    . C   B 2 7 ? -1.122  3.614   8.276   1.00 19.11 ? 72   C   B N4    1 
ATOM   291 C C5    . C   B 2 7 ? 1.013   4.780   8.632   1.00 18.11 ? 72   C   B C5    1 
ATOM   292 C C6    . C   B 2 7 ? 1.652   5.961   8.555   1.00 17.26 ? 72   C   B C6    1 
HETATM 293 O O     . HOH C 3 . ? -5.067  10.575  6.787   1.00 33.20 ? 2001 HOH A O     1 
HETATM 294 O O     . HOH C 3 . ? -11.165 10.361  4.020   1.00 33.43 ? 2002 HOH A O     1 
HETATM 295 O O     . HOH C 3 . ? -6.601  1.382   7.909   1.00 47.07 ? 2003 HOH A O     1 
HETATM 296 O O     . HOH C 3 . ? -7.475  10.569  6.323   1.00 31.21 ? 2004 HOH A O     1 
HETATM 297 O O     . HOH C 3 . ? -11.567 2.050   7.273   1.00 45.31 ? 2005 HOH A O     1 
HETATM 298 O O     . HOH C 3 . ? -7.929  12.602  4.079   1.00 36.47 ? 2006 HOH A O     1 
HETATM 299 O O     . HOH C 3 . ? -9.025  12.561  1.747   1.00 46.51 ? 2007 HOH A O     1 
HETATM 300 O O     . HOH C 3 . ? -5.829  3.059   3.799   1.00 48.06 ? 2008 HOH A O     1 
HETATM 301 O O     . HOH C 3 . ? -8.508  8.094   -1.646  1.00 43.97 ? 2009 HOH A O     1 
HETATM 302 O O     . HOH C 3 . ? -4.163  12.326  5.584   1.00 33.79 ? 2010 HOH A O     1 
HETATM 303 O O     . HOH C 3 . ? -3.325  1.369   5.001   1.00 45.81 ? 2011 HOH A O     1 
HETATM 304 O O     . HOH C 3 . ? -4.955  13.329  0.929   1.00 32.32 ? 2012 HOH A O     1 
HETATM 305 O O     . HOH C 3 . ? -3.589  3.019   1.434   1.00 30.58 ? 2013 HOH A O     1 
HETATM 306 O O     . HOH C 3 . ? -5.236  5.846   0.341   1.00 26.92 ? 2014 HOH A O     1 
HETATM 307 O O     . HOH C 3 . ? 3.938   8.098   0.594   1.00 37.97 ? 2015 HOH A O     1 
HETATM 308 O O     . HOH C 3 . ? -3.047  6.462   -2.718  1.00 25.33 ? 2016 HOH A O     1 
HETATM 309 O O     . HOH C 3 . ? -3.461  0.495   -0.284  1.00 48.46 ? 2017 HOH A O     1 
HETATM 310 O O     . HOH C 3 . ? 5.972   3.402   -1.120  1.00 33.32 ? 2018 HOH A O     1 
HETATM 311 O O     . HOH C 3 . ? 6.491   0.267   -0.337  1.00 24.97 ? 2019 HOH A O     1 
HETATM 312 O O     . HOH C 3 . ? -4.140  9.022   -5.162  1.00 36.90 ? 2020 HOH A O     1 
HETATM 313 O O     . HOH C 3 . ? -3.035  3.816   -1.637  1.00 28.37 ? 2021 HOH A O     1 
HETATM 314 O O     . HOH C 3 . ? -1.884  0.523   -3.638  1.00 31.09 ? 2022 HOH A O     1 
HETATM 315 O O     . HOH C 3 . ? -0.263  4.431   -6.284  1.00 44.92 ? 2023 HOH A O     1 
HETATM 316 O O     . HOH C 3 . ? 0.061   2.324   -8.918  1.00 47.06 ? 2024 HOH A O     1 
HETATM 317 O O     . HOH C 3 . ? 5.224   3.216   -10.787 1.00 60.01 ? 2025 HOH A O     1 
HETATM 318 O O     . HOH C 3 . ? 0.243   1.691   -5.074  1.00 30.68 ? 2026 HOH A O     1 
HETATM 319 O O     . HOH C 3 . ? 6.772   4.679   -9.409  1.00 36.86 ? 2027 HOH A O     1 
HETATM 320 O O     . HOH C 3 . ? 2.294   0.384   -7.561  1.00 31.84 ? 2028 HOH A O     1 
HETATM 321 O O     . HOH C 3 . ? -0.383  -0.822  -6.710  1.00 28.50 ? 2029 HOH A O     1 
HETATM 322 O O     . HOH C 3 . ? 4.730   -6.750  -3.260  1.00 21.34 ? 2030 HOH A O     1 
HETATM 323 O O     . HOH C 3 . ? 10.646  -4.903  -8.699  1.00 34.98 ? 2031 HOH A O     1 
HETATM 324 O O     . HOH C 3 . ? 5.088   -11.644 -10.980 1.00 21.58 ? 2032 HOH A O     1 
HETATM 325 O O     . HOH C 3 . ? -0.905  -10.298 -7.552  1.00 25.98 ? 2033 HOH A O     1 
HETATM 326 O O     . HOH C 3 . ? 7.206   -2.377  -11.782 1.00 44.91 ? 2034 HOH A O     1 
HETATM 327 O O     . HOH C 3 . ? 3.436   -2.921  -10.284 1.00 42.13 ? 2035 HOH A O     1 
HETATM 328 O O     . HOH C 3 . ? 3.768   -8.753  -13.755 1.00 34.67 ? 2036 HOH A O     1 
HETATM 329 O O     . HOH C 3 . ? 1.379   -12.339 -10.957 1.00 24.44 ? 2037 HOH A O     1 
HETATM 330 O O     . HOH C 3 . ? 0.696   -1.697  -9.513  1.00 34.80 ? 2038 HOH A O     1 
HETATM 331 O O     . HOH D 3 . ? -3.908  -12.209 -5.261  1.00 42.14 ? 2001 HOH B O     1 
HETATM 332 O O     . HOH D 3 . ? -4.864  -9.837  -6.705  1.00 33.89 ? 2002 HOH B O     1 
HETATM 333 O O     . HOH D 3 . ? -7.352  -10.359 -5.809  1.00 25.17 ? 2003 HOH B O     1 
HETATM 334 O O     . HOH D 3 . ? -10.842 -2.226  -6.425  1.00 36.62 ? 2004 HOH B O     1 
HETATM 335 O O     . HOH D 3 . ? -10.670 -9.667  -2.933  1.00 27.61 ? 2005 HOH B O     1 
HETATM 336 O O     . HOH D 3 . ? -8.538  -9.250  2.067   1.00 32.98 ? 2006 HOH B O     1 
HETATM 337 O O     . HOH D 3 . ? -4.316  -12.931 -0.512  1.00 30.94 ? 2007 HOH B O     1 
HETATM 338 O O     . HOH D 3 . ? -5.020  -1.895  -3.716  1.00 36.56 ? 2008 HOH B O     1 
HETATM 339 O O     . HOH D 3 . ? -7.544  -3.152  -2.459  1.00 39.55 ? 2009 HOH B O     1 
HETATM 340 O O     . HOH D 3 . ? -0.735  -10.741 -3.727  1.00 37.19 ? 2010 HOH B O     1 
HETATM 341 O O     . HOH D 3 . ? -3.579  -2.249  -1.180  1.00 25.86 ? 2011 HOH B O     1 
HETATM 342 O O     . HOH D 3 . ? 3.222   -11.463 2.593   1.00 27.07 ? 2012 HOH B O     1 
HETATM 343 O O     . HOH D 3 . ? -5.036  -5.502  0.268   1.00 21.75 ? 2013 HOH B O     1 
HETATM 344 O O     . HOH D 3 . ? -6.580  -6.930  3.009   1.00 38.00 ? 2014 HOH B O     1 
HETATM 345 O O     . HOH D 3 . ? -7.101  -11.336 3.124   1.00 41.53 ? 2015 HOH B O     1 
HETATM 346 O O     . HOH D 3 . ? -3.440  -3.432  1.870   1.00 29.94 ? 2016 HOH B O     1 
HETATM 347 O O     . HOH D 3 . ? 1.353   -11.999 4.785   1.00 38.30 ? 2017 HOH B O     1 
HETATM 348 O O     . HOH D 3 . ? -0.223  -4.863  5.378   0.43 17.71 ? 2018 HOH B O     1 
HETATM 349 O O     . HOH D 3 . ? 8.028   -6.137  3.232   0.50 17.10 ? 2019 HOH B O     1 
HETATM 350 O O     . HOH D 3 . ? 6.352   -2.693  0.293   1.00 17.50 ? 2020 HOH B O     1 
HETATM 351 O O     . HOH D 3 . ? 5.604   -6.601  -0.491  1.00 26.61 ? 2021 HOH B O     1 
HETATM 352 O O     . HOH D 3 . ? -2.444  -6.228  2.866   1.00 23.22 ? 2022 HOH B O     1 
HETATM 353 O O     . HOH D 3 . ? 1.185   -3.176  5.344   0.57 16.61 ? 2023 HOH B O     1 
HETATM 354 O O     . HOH D 3 . ? 8.826   -4.061  8.997   1.00 36.20 ? 2024 HOH B O     1 
HETATM 355 O O     . HOH D 3 . ? -1.610  -0.541  4.084   1.00 37.50 ? 2025 HOH B O     1 
HETATM 356 O O     . HOH D 3 . ? 9.803   -1.649  8.916   1.00 20.19 ? 2026 HOH B O     1 
HETATM 357 O O     . HOH D 3 . ? 3.648   1.111   9.769   0.46 33.16 ? 2027 HOH B O     1 
HETATM 358 O O     . HOH D 3 . ? 0.339   -0.698  6.753   1.00 29.06 ? 2028 HOH B O     1 
HETATM 359 O O     . HOH D 3 . ? 3.308   -1.445  7.466   1.00 21.67 ? 2029 HOH B O     1 
HETATM 360 O O     . HOH D 3 . ? 8.502   7.395   6.366   1.00 40.31 ? 2030 HOH B O     1 
HETATM 361 O O     . HOH D 3 . ? 4.465   8.288   4.720   1.00 30.18 ? 2031 HOH B O     1 
HETATM 362 O O     . HOH D 3 . ? 3.245   3.226   9.969   0.54 33.33 ? 2032 HOH B O     1 
HETATM 363 O O     . HOH D 3 . ? 6.547   2.849   12.058  1.00 20.86 ? 2033 HOH B O     1 
HETATM 364 O O     . HOH D 3 . ? -1.399  11.009  7.815   1.00 28.33 ? 2034 HOH B O     1 
HETATM 365 O O     . HOH D 3 . ? 8.212   6.394   13.525  1.00 36.37 ? 2035 HOH B O     1 
HETATM 366 O O     . HOH D 3 . ? 0.231   1.315   9.475   1.00 37.32 ? 2036 HOH B O     1 
HETATM 367 O O     . HOH D 3 . ? 3.251   8.146   13.484  1.00 41.58 ? 2037 HOH B O     1 
# 
